data_5XIC
#
_entry.id   5XIC
#
_cell.length_a   45.652
_cell.length_b   83.460
_cell.length_c   83.489
_cell.angle_alpha   90.000
_cell.angle_beta   89.950
_cell.angle_gamma   90.000
#
_symmetry.space_group_name_H-M   'P 1 21 1'
#
loop_
_entity.id
_entity.type
_entity.pdbx_description
1 polymer 'Heme acquisition protein HasAp'
2 non-polymer '5,10,15-Triphenylporphyrin cpntaining FE'
3 non-polymer 3,6,9,12,15,18,21-HEPTAOXATRICOSANE-1,23-DIOL
4 water water
#
_entity_poly.entity_id   1
_entity_poly.type   'polypeptide(L)'
_entity_poly.pdbx_seq_one_letter_code
;MSISISYSTTYSGWTVADYLADWSAYFGDVNHRPGQVVDGSNTGGFNPGPFDGSQYALKSTASDAAFIAGGDLHYTLFSN
PSHTLWGKLDSIALGDTLTGGASSGGYALDSQEVSFSNLGLDSPIAQGRDGTVHKVVYGLMSGDSSALQGQIDALLKAVD
PSLSINSTFDQLAAAGVAHATPAA
;
_entity_poly.pdbx_strand_id   A,B,C,D
#
loop_
_chem_comp.id
_chem_comp.type
_chem_comp.name
_chem_comp.formula
PE8 non-polymer 3,6,9,12,15,18,21-HEPTAOXATRICOSANE-1,23-DIOL 'C16 H34 O9'
WXP non-polymer '5,10,15-Triphenylporphyrin cpntaining FE' 'C38 H24 Fe N4'
#
# COMPACT_ATOMS: atom_id res chain seq x y z
N MET A 1 2.83 -0.83 33.93
CA MET A 1 4.17 -0.84 33.25
C MET A 1 4.45 0.46 32.51
N SER A 2 5.73 0.69 32.24
N SER A 2 5.73 0.68 32.23
CA SER A 2 6.21 1.93 31.65
CA SER A 2 6.21 1.93 31.66
C SER A 2 5.79 2.06 30.20
C SER A 2 5.79 2.07 30.19
N ILE A 3 5.72 3.31 29.71
CA ILE A 3 5.52 3.61 28.28
C ILE A 3 6.49 2.79 27.42
N SER A 4 6.00 2.27 26.30
CA SER A 4 6.83 1.57 25.32
C SER A 4 6.58 2.16 23.96
N ILE A 5 7.65 2.38 23.21
CA ILE A 5 7.60 3.00 21.91
C ILE A 5 8.19 2.03 20.88
N SER A 6 7.47 1.82 19.78
CA SER A 6 7.97 1.06 18.63
C SER A 6 8.14 2.05 17.50
N TYR A 7 9.27 1.98 16.79
CA TYR A 7 9.54 2.91 15.68
C TYR A 7 10.26 2.20 14.56
N SER A 8 9.89 2.54 13.32
CA SER A 8 10.67 2.16 12.15
C SER A 8 12.06 2.79 12.22
N THR A 9 13.08 2.05 11.79
CA THR A 9 14.46 2.56 11.79
C THR A 9 14.63 3.85 10.98
N THR A 10 13.72 4.11 10.03
CA THR A 10 13.68 5.41 9.35
C THR A 10 13.81 6.61 10.30
N TYR A 11 13.19 6.51 11.46
CA TYR A 11 13.13 7.63 12.42
C TYR A 11 14.13 7.52 13.58
N SER A 12 15.12 6.63 13.44
CA SER A 12 16.14 6.41 14.47
C SER A 12 16.73 7.71 15.05
N GLY A 13 17.06 8.64 14.16
CA GLY A 13 17.64 9.94 14.54
C GLY A 13 16.68 11.10 14.78
N TRP A 14 15.38 10.90 14.56
CA TRP A 14 14.36 11.90 14.86
C TRP A 14 14.06 11.97 16.34
N THR A 15 13.62 13.13 16.82
CA THR A 15 13.03 13.26 18.15
C THR A 15 11.54 12.95 18.07
N VAL A 16 10.96 12.65 19.23
CA VAL A 16 9.52 12.32 19.31
C VAL A 16 8.69 13.54 18.94
N ALA A 17 9.03 14.69 19.53
CA ALA A 17 8.35 15.97 19.28
C ALA A 17 8.35 16.30 17.80
N ASP A 18 9.52 16.14 17.17
CA ASP A 18 9.65 16.35 15.73
C ASP A 18 8.75 15.41 14.92
N TYR A 19 8.74 14.13 15.27
CA TYR A 19 7.88 13.17 14.57
C TYR A 19 6.39 13.52 14.74
N LEU A 20 5.98 13.79 15.98
CA LEU A 20 4.58 14.12 16.27
C LEU A 20 4.09 15.40 15.61
N ALA A 21 4.92 16.44 15.62
CA ALA A 21 4.60 17.70 14.93
C ALA A 21 4.50 17.49 13.42
N ASP A 22 5.42 16.71 12.87
CA ASP A 22 5.44 16.39 11.44
C ASP A 22 4.25 15.55 10.98
N TRP A 23 4.01 14.41 11.65
CA TRP A 23 2.87 13.56 11.31
C TRP A 23 1.56 14.35 11.39
N SER A 24 1.42 15.19 12.42
CA SER A 24 0.19 15.97 12.63
C SER A 24 -0.01 17.01 11.51
N ALA A 25 1.08 17.61 11.03
CA ALA A 25 1.05 18.49 9.85
C ALA A 25 0.60 17.74 8.57
N TYR A 26 1.11 16.51 8.40
N TYR A 26 1.11 16.52 8.42
CA TYR A 26 0.72 15.66 7.27
CA TYR A 26 0.81 15.59 7.32
C TYR A 26 -0.73 15.20 7.32
C TYR A 26 -0.66 15.13 7.31
N PHE A 27 -1.14 14.70 8.48
CA PHE A 27 -2.52 14.27 8.67
C PHE A 27 -3.48 15.45 8.53
N GLY A 28 -3.09 16.58 9.10
CA GLY A 28 -3.85 17.79 8.99
C GLY A 28 -5.05 17.77 9.90
N ASP A 29 -6.14 18.37 9.42
CA ASP A 29 -7.34 18.56 10.20
C ASP A 29 -8.50 18.03 9.37
N VAL A 30 -9.17 16.99 9.85
CA VAL A 30 -10.30 16.40 9.12
C VAL A 30 -11.58 17.21 9.27
N ASN A 31 -11.57 18.23 10.13
CA ASN A 31 -12.69 19.14 10.30
C ASN A 31 -13.92 18.39 10.83
N HIS A 32 -13.69 17.50 11.79
CA HIS A 32 -14.75 16.80 12.49
C HIS A 32 -15.20 17.71 13.64
N ARG A 33 -16.13 18.60 13.33
CA ARG A 33 -16.61 19.67 14.22
C ARG A 33 -18.11 19.85 14.06
N PRO A 34 -18.76 20.53 15.03
CA PRO A 34 -20.18 20.85 14.89
C PRO A 34 -20.52 21.54 13.57
N GLY A 35 -21.52 20.99 12.87
CA GLY A 35 -21.95 21.48 11.57
C GLY A 35 -21.15 20.98 10.37
N GLN A 36 -20.11 20.18 10.61
CA GLN A 36 -19.17 19.76 9.57
C GLN A 36 -19.02 18.24 9.38
N VAL A 37 -19.83 17.45 10.09
CA VAL A 37 -19.83 15.99 9.93
C VAL A 37 -21.20 15.61 9.35
N VAL A 38 -21.21 15.41 8.04
CA VAL A 38 -22.43 15.20 7.26
C VAL A 38 -22.39 13.92 6.41
N ASP A 39 -21.23 13.24 6.37
CA ASP A 39 -21.08 12.02 5.58
C ASP A 39 -19.92 11.21 6.15
N GLY A 40 -19.45 10.25 5.38
CA GLY A 40 -18.41 9.34 5.85
C GLY A 40 -16.96 9.78 5.74
N SER A 41 -16.73 10.99 5.23
CA SER A 41 -15.38 11.43 4.86
C SER A 41 -14.46 11.71 6.04
N ASN A 42 -15.04 12.09 7.18
CA ASN A 42 -14.24 12.52 8.34
C ASN A 42 -14.73 11.94 9.67
N THR A 43 -15.41 10.80 9.63
CA THR A 43 -15.94 10.16 10.83
C THR A 43 -14.91 9.27 11.53
N GLY A 44 -14.09 8.57 10.75
CA GLY A 44 -13.32 7.46 11.28
C GLY A 44 -14.23 6.27 11.53
N GLY A 45 -13.76 5.33 12.33
CA GLY A 45 -14.55 4.16 12.68
C GLY A 45 -14.01 3.43 13.88
N PHE A 46 -14.89 2.64 14.50
CA PHE A 46 -14.53 1.80 15.63
C PHE A 46 -14.50 0.32 15.23
N ASN A 47 -13.66 -0.42 15.93
CA ASN A 47 -13.62 -1.88 15.83
C ASN A 47 -13.89 -2.45 17.22
N PRO A 48 -14.98 -3.20 17.42
CA PRO A 48 -15.94 -3.60 16.39
C PRO A 48 -16.97 -2.54 16.02
N GLY A 49 -17.11 -1.50 16.84
CA GLY A 49 -18.12 -0.49 16.62
C GLY A 49 -19.52 -0.99 16.95
N PRO A 50 -20.55 -0.22 16.64
CA PRO A 50 -20.44 1.05 15.89
C PRO A 50 -19.93 2.26 16.70
N PHE A 51 -20.10 2.25 18.02
CA PHE A 51 -19.79 3.43 18.86
C PHE A 51 -18.80 3.14 19.99
N ASP A 52 -18.20 1.96 19.98
CA ASP A 52 -17.29 1.50 21.02
C ASP A 52 -16.32 0.53 20.40
N GLY A 53 -15.15 0.38 20.99
CA GLY A 53 -14.24 -0.62 20.48
C GLY A 53 -12.91 -0.68 21.15
N SER A 54 -12.17 -1.73 20.81
CA SER A 54 -10.76 -1.85 21.14
C SER A 54 -9.90 -0.91 20.31
N GLN A 55 -10.43 -0.44 19.18
CA GLN A 55 -9.75 0.54 18.34
C GLN A 55 -10.72 1.60 17.84
N TYR A 56 -10.22 2.83 17.75
CA TYR A 56 -10.79 3.89 16.92
C TYR A 56 -9.71 4.30 15.93
N ALA A 57 -10.05 4.36 14.64
CA ALA A 57 -9.07 4.69 13.61
C ALA A 57 -9.64 5.72 12.65
N LEU A 58 -8.75 6.53 12.11
CA LEU A 58 -9.14 7.61 11.20
C LEU A 58 -8.03 7.85 10.20
N LYS A 59 -8.45 7.97 8.93
CA LYS A 59 -7.57 8.33 7.83
C LYS A 59 -7.72 9.84 7.55
N SER A 60 -6.59 10.47 7.22
CA SER A 60 -6.57 11.86 6.77
C SER A 60 -7.41 12.09 5.51
N THR A 61 -7.93 13.30 5.38
CA THR A 61 -8.56 13.76 4.14
C THR A 61 -7.62 14.64 3.32
N ALA A 62 -6.39 14.82 3.81
CA ALA A 62 -5.36 15.67 3.17
C ALA A 62 -4.12 14.88 2.72
N SER A 63 -4.11 13.57 3.00
CA SER A 63 -2.96 12.69 2.73
C SER A 63 -3.39 11.24 3.00
N ASP A 64 -2.44 10.32 2.87
CA ASP A 64 -2.67 8.91 3.25
C ASP A 64 -2.32 8.61 4.72
N ALA A 65 -1.98 9.64 5.50
CA ALA A 65 -1.68 9.49 6.93
C ALA A 65 -2.90 9.01 7.69
N ALA A 66 -2.65 8.25 8.74
CA ALA A 66 -3.71 7.75 9.59
C ALA A 66 -3.20 7.43 10.97
N PHE A 67 -4.14 7.25 11.90
CA PHE A 67 -3.80 6.78 13.23
C PHE A 67 -4.81 5.75 13.72
N ILE A 68 -4.36 4.95 14.68
CA ILE A 68 -5.21 3.99 15.38
C ILE A 68 -5.01 4.20 16.87
N ALA A 69 -6.11 4.54 17.55
CA ALA A 69 -6.15 4.60 19.02
C ALA A 69 -6.62 3.25 19.51
N GLY A 70 -5.86 2.67 20.44
CA GLY A 70 -6.16 1.34 20.97
C GLY A 70 -6.43 1.38 22.45
N GLY A 71 -7.37 0.56 22.89
CA GLY A 71 -7.68 0.45 24.31
C GLY A 71 -9.06 -0.11 24.52
N ASP A 72 -9.85 0.59 25.31
CA ASP A 72 -11.24 0.22 25.56
C ASP A 72 -12.02 1.54 25.48
N LEU A 73 -12.46 1.86 24.27
CA LEU A 73 -12.90 3.21 23.94
C LEU A 73 -14.40 3.25 23.68
N HIS A 74 -15.01 4.39 24.02
CA HIS A 74 -16.45 4.59 23.92
C HIS A 74 -16.72 5.98 23.38
N TYR A 75 -17.73 6.09 22.53
CA TYR A 75 -18.20 7.38 22.04
C TYR A 75 -19.63 7.59 22.49
N THR A 76 -19.91 8.73 23.10
CA THR A 76 -21.25 9.01 23.63
C THR A 76 -22.26 9.46 22.58
N LEU A 77 -21.78 9.83 21.40
CA LEU A 77 -22.63 10.30 20.27
C LEU A 77 -23.52 11.46 20.76
N PHE A 78 -24.83 11.30 20.80
CA PHE A 78 -25.72 12.39 21.22
C PHE A 78 -25.89 12.52 22.72
N SER A 79 -25.42 11.53 23.48
CA SER A 79 -25.79 11.38 24.88
C SER A 79 -24.89 12.17 25.81
N ASN A 80 -25.51 12.92 26.73
CA ASN A 80 -24.81 13.74 27.73
C ASN A 80 -23.72 12.95 28.45
N PRO A 81 -22.45 13.40 28.45
CA PRO A 81 -21.94 14.57 27.73
C PRO A 81 -21.71 14.23 26.26
N SER A 82 -22.40 14.93 25.36
CA SER A 82 -22.40 14.55 23.96
C SER A 82 -21.01 14.60 23.33
N HIS A 83 -20.82 13.70 22.38
CA HIS A 83 -19.63 13.68 21.52
C HIS A 83 -18.33 13.59 22.30
N THR A 84 -18.34 12.74 23.31
CA THR A 84 -17.19 12.45 24.16
C THR A 84 -16.65 11.07 23.81
N LEU A 85 -15.40 11.02 23.40
CA LEU A 85 -14.57 9.81 23.38
C LEU A 85 -13.90 9.62 24.72
N TRP A 86 -14.18 8.50 25.37
CA TRP A 86 -13.70 8.23 26.72
C TRP A 86 -13.37 6.75 26.88
N GLY A 87 -12.83 6.42 28.05
CA GLY A 87 -12.45 5.06 28.39
C GLY A 87 -10.95 4.94 28.53
N LYS A 88 -10.42 3.76 28.23
CA LYS A 88 -9.00 3.44 28.35
C LYS A 88 -8.31 3.65 27.01
N LEU A 89 -7.28 4.50 27.00
CA LEU A 89 -6.41 4.66 25.83
C LEU A 89 -5.05 4.08 26.20
N ASP A 90 -4.77 2.91 25.64
CA ASP A 90 -3.51 2.20 25.88
C ASP A 90 -2.45 2.52 24.85
N SER A 91 -2.87 2.82 23.62
CA SER A 91 -1.91 3.03 22.55
C SER A 91 -2.38 4.01 21.47
N ILE A 92 -1.40 4.67 20.86
CA ILE A 92 -1.60 5.44 19.63
C ILE A 92 -0.57 4.94 18.64
N ALA A 93 -1.05 4.46 17.48
CA ALA A 93 -0.21 4.01 16.38
C ALA A 93 -0.35 5.01 15.24
N LEU A 94 0.78 5.49 14.72
CA LEU A 94 0.81 6.51 13.67
C LEU A 94 1.55 5.98 12.46
N GLY A 95 1.08 6.37 11.29
CA GLY A 95 1.73 5.98 10.04
C GLY A 95 0.87 6.37 8.86
N ASP A 96 0.96 5.56 7.81
N ASP A 96 0.88 5.55 7.82
CA ASP A 96 0.26 5.77 6.53
CA ASP A 96 0.03 5.83 6.68
C ASP A 96 -0.54 4.52 6.14
C ASP A 96 -0.52 4.54 6.12
N THR A 97 -1.54 4.71 5.28
CA THR A 97 -2.25 3.62 4.61
C THR A 97 -3.00 2.72 5.59
N LEU A 98 -4.09 3.28 6.13
CA LEU A 98 -4.97 2.55 7.01
C LEU A 98 -5.65 1.42 6.23
N THR A 99 -5.67 0.23 6.82
CA THR A 99 -6.33 -0.92 6.25
C THR A 99 -7.25 -1.55 7.28
N GLY A 100 -8.13 -2.41 6.80
CA GLY A 100 -9.02 -3.16 7.66
C GLY A 100 -10.12 -2.31 8.26
N GLY A 101 -10.51 -2.68 9.47
CA GLY A 101 -11.65 -2.11 10.17
C GLY A 101 -12.47 -3.23 10.80
N ALA A 102 -13.68 -2.89 11.22
CA ALA A 102 -14.53 -3.86 11.93
C ALA A 102 -14.78 -5.14 11.13
N SER A 103 -15.03 -5.00 9.83
N SER A 103 -15.01 -5.02 9.83
CA SER A 103 -15.26 -6.14 8.93
CA SER A 103 -15.29 -6.19 8.98
C SER A 103 -14.11 -7.14 8.91
C SER A 103 -14.09 -7.14 8.82
N SER A 104 -12.88 -6.63 9.07
CA SER A 104 -11.66 -7.46 9.12
C SER A 104 -11.26 -7.89 10.54
N GLY A 105 -12.05 -7.51 11.54
CA GLY A 105 -11.72 -7.75 12.93
C GLY A 105 -10.56 -6.92 13.48
N GLY A 106 -10.24 -5.81 12.81
CA GLY A 106 -9.13 -4.98 13.27
C GLY A 106 -8.64 -4.03 12.20
N TYR A 107 -8.21 -2.86 12.65
CA TYR A 107 -7.50 -1.91 11.83
C TYR A 107 -6.00 -2.18 11.92
N ALA A 108 -5.31 -1.85 10.84
CA ALA A 108 -3.85 -1.88 10.81
C ALA A 108 -3.35 -0.84 9.84
N LEU A 109 -2.12 -0.38 10.08
CA LEU A 109 -1.44 0.52 9.16
C LEU A 109 -0.51 -0.33 8.29
N ASP A 110 -0.66 -0.20 6.97
CA ASP A 110 0.29 -0.85 6.03
C ASP A 110 1.72 -0.33 6.19
N SER A 111 1.85 0.93 6.56
N SER A 111 1.86 0.94 6.55
CA SER A 111 3.16 1.53 6.87
CA SER A 111 3.15 1.53 6.89
C SER A 111 3.11 2.15 8.26
C SER A 111 3.07 2.15 8.27
N GLN A 112 3.17 1.30 9.29
CA GLN A 112 3.19 1.76 10.68
C GLN A 112 4.57 2.31 10.97
N GLU A 113 4.60 3.56 11.39
CA GLU A 113 5.86 4.28 11.56
C GLU A 113 6.29 4.34 13.02
N VAL A 114 5.39 4.77 13.89
CA VAL A 114 5.68 4.93 15.31
C VAL A 114 4.44 4.58 16.10
N SER A 115 4.61 3.84 17.19
CA SER A 115 3.53 3.60 18.13
C SER A 115 3.98 3.91 19.56
N PHE A 116 3.04 4.44 20.33
CA PHE A 116 3.23 4.72 21.75
C PHE A 116 2.23 3.85 22.46
N SER A 117 2.71 2.96 23.32
N SER A 117 2.71 2.93 23.30
CA SER A 117 1.87 1.99 24.02
CA SER A 117 1.85 1.96 24.01
C SER A 117 2.13 2.04 25.51
C SER A 117 2.14 2.03 25.49
N ASN A 118 1.31 1.33 26.28
CA ASN A 118 1.32 1.41 27.75
C ASN A 118 1.11 2.86 28.22
N LEU A 119 0.24 3.58 27.53
CA LEU A 119 -0.04 4.96 27.89
C LEU A 119 -0.77 5.07 29.23
N GLY A 120 -1.53 4.05 29.59
CA GLY A 120 -2.20 3.99 30.88
C GLY A 120 -3.20 5.11 31.13
N LEU A 121 -3.75 5.66 30.05
CA LEU A 121 -4.68 6.77 30.15
C LEU A 121 -6.07 6.18 30.31
N ASP A 122 -6.82 6.74 31.26
CA ASP A 122 -8.16 6.29 31.58
C ASP A 122 -8.99 7.51 31.96
N SER A 123 -9.92 7.88 31.07
CA SER A 123 -10.76 9.05 31.27
C SER A 123 -12.19 8.62 31.49
N PRO A 124 -12.80 9.05 32.62
CA PRO A 124 -14.19 8.69 32.85
C PRO A 124 -15.13 9.53 32.00
N ILE A 125 -16.33 9.01 31.75
CA ILE A 125 -17.34 9.74 30.99
C ILE A 125 -17.67 11.13 31.57
N ALA A 126 -17.65 11.27 32.89
CA ALA A 126 -18.04 12.55 33.54
C ALA A 126 -17.13 13.73 33.23
N GLN A 127 -15.89 13.48 32.80
CA GLN A 127 -15.00 14.56 32.38
C GLN A 127 -15.38 15.12 31.02
N GLY A 128 -16.17 14.37 30.25
CA GLY A 128 -16.68 14.84 28.97
C GLY A 128 -15.53 15.11 28.02
N ARG A 129 -15.65 16.16 27.23
CA ARG A 129 -14.61 16.51 26.26
C ARG A 129 -13.38 17.20 26.88
N ASP A 130 -13.39 17.39 28.21
CA ASP A 130 -12.19 17.83 28.96
C ASP A 130 -11.31 16.65 29.41
N GLY A 131 -11.76 15.42 29.17
CA GLY A 131 -10.97 14.23 29.51
C GLY A 131 -9.70 14.15 28.67
N THR A 132 -8.64 13.63 29.27
CA THR A 132 -7.34 13.52 28.60
C THR A 132 -7.44 12.62 27.36
N VAL A 133 -8.15 11.51 27.45
CA VAL A 133 -8.33 10.63 26.28
C VAL A 133 -8.97 11.40 25.14
N HIS A 134 -10.06 12.12 25.42
CA HIS A 134 -10.71 12.93 24.39
C HIS A 134 -9.77 13.95 23.77
N LYS A 135 -9.08 14.70 24.62
CA LYS A 135 -8.19 15.75 24.15
C LYS A 135 -7.05 15.19 23.31
N VAL A 136 -6.50 14.05 23.72
CA VAL A 136 -5.42 13.41 22.97
C VAL A 136 -5.92 13.02 21.58
N VAL A 137 -7.01 12.26 21.52
CA VAL A 137 -7.49 11.72 20.24
C VAL A 137 -8.06 12.83 19.36
N TYR A 138 -8.89 13.70 19.92
CA TYR A 138 -9.44 14.82 19.15
C TYR A 138 -8.35 15.77 18.63
N GLY A 139 -7.30 15.95 19.44
CA GLY A 139 -6.12 16.68 18.99
C GLY A 139 -5.55 16.14 17.69
N LEU A 140 -5.36 14.82 17.64
CA LEU A 140 -4.88 14.15 16.43
C LEU A 140 -5.84 14.27 15.26
N MET A 141 -7.15 14.19 15.54
CA MET A 141 -8.17 14.39 14.51
C MET A 141 -8.15 15.80 13.91
N SER A 142 -7.74 16.78 14.72
N SER A 142 -7.76 16.78 14.72
CA SER A 142 -7.88 18.20 14.41
CA SER A 142 -7.89 18.21 14.38
C SER A 142 -6.57 18.95 14.16
C SER A 142 -6.61 18.92 13.94
N GLY A 143 -5.49 18.22 13.86
CA GLY A 143 -4.20 18.84 13.48
C GLY A 143 -3.37 19.40 14.62
N ASP A 144 -3.60 18.93 15.84
CA ASP A 144 -2.88 19.41 17.02
C ASP A 144 -2.46 18.23 17.90
N SER A 145 -1.19 17.84 17.82
CA SER A 145 -0.66 16.74 18.64
C SER A 145 -0.19 17.17 20.05
N SER A 146 -0.43 18.43 20.44
CA SER A 146 0.04 18.96 21.72
C SER A 146 -0.36 18.13 22.92
N ALA A 147 -1.62 17.69 22.98
CA ALA A 147 -2.09 16.89 24.09
C ALA A 147 -1.34 15.56 24.18
N LEU A 148 -1.20 14.88 23.04
CA LEU A 148 -0.45 13.64 22.99
C LEU A 148 1.00 13.85 23.43
N GLN A 149 1.63 14.90 22.89
CA GLN A 149 3.00 15.26 23.24
C GLN A 149 3.19 15.46 24.74
N GLY A 150 2.27 16.19 25.36
CA GLY A 150 2.27 16.41 26.80
C GLY A 150 2.23 15.13 27.62
N GLN A 151 1.37 14.19 27.20
CA GLN A 151 1.25 12.90 27.89
C GLN A 151 2.49 12.03 27.72
N ILE A 152 3.00 11.95 26.49
CA ILE A 152 4.23 11.20 26.23
C ILE A 152 5.40 11.75 27.05
N ASP A 153 5.51 13.07 27.10
CA ASP A 153 6.59 13.70 27.87
C ASP A 153 6.53 13.34 29.36
N ALA A 154 5.34 13.45 29.94
CA ALA A 154 5.12 13.06 31.33
C ALA A 154 5.41 11.59 31.60
N LEU A 155 4.98 10.71 30.70
CA LEU A 155 5.22 9.28 30.84
C LEU A 155 6.71 8.93 30.75
N LEU A 156 7.41 9.56 29.81
CA LEU A 156 8.86 9.33 29.66
C LEU A 156 9.63 9.75 30.90
N LYS A 157 9.31 10.92 31.43
CA LYS A 157 9.96 11.43 32.65
C LYS A 157 9.68 10.60 33.91
N ALA A 158 8.49 10.01 34.00
CA ALA A 158 8.15 9.09 35.09
C ALA A 158 9.07 7.86 35.15
N VAL A 159 9.52 7.39 34.00
CA VAL A 159 10.34 6.18 33.90
C VAL A 159 11.82 6.49 33.94
N ASP A 160 12.22 7.55 33.24
CA ASP A 160 13.61 7.96 33.11
C ASP A 160 13.63 9.48 32.92
N PRO A 161 13.95 10.26 33.98
CA PRO A 161 13.99 11.73 33.88
C PRO A 161 14.87 12.33 32.79
N SER A 162 15.82 11.57 32.25
CA SER A 162 16.64 12.03 31.12
C SER A 162 15.94 12.03 29.76
N LEU A 163 14.79 11.33 29.67
CA LEU A 163 14.05 11.24 28.41
C LEU A 163 12.93 12.27 28.35
N SER A 164 12.65 12.71 27.14
CA SER A 164 11.60 13.69 26.88
C SER A 164 11.16 13.54 25.43
N ILE A 165 10.21 14.37 25.01
CA ILE A 165 9.83 14.43 23.60
C ILE A 165 10.95 14.95 22.67
N ASN A 166 11.98 15.58 23.22
CA ASN A 166 13.16 16.00 22.45
C ASN A 166 14.27 14.95 22.40
N SER A 167 14.05 13.78 23.01
CA SER A 167 14.96 12.63 22.87
C SER A 167 14.77 12.00 21.50
N THR A 168 15.85 11.45 20.92
CA THR A 168 15.72 10.69 19.67
C THR A 168 15.14 9.29 19.94
N PHE A 169 14.58 8.68 18.92
CA PHE A 169 14.05 7.31 19.06
C PHE A 169 15.14 6.31 19.45
N ASP A 170 16.31 6.38 18.83
CA ASP A 170 17.44 5.56 19.25
C ASP A 170 17.89 5.82 20.68
N GLN A 171 17.80 7.07 21.13
CA GLN A 171 18.06 7.41 22.54
C GLN A 171 17.06 6.71 23.46
N LEU A 172 15.78 6.71 23.08
CA LEU A 172 14.75 6.01 23.84
C LEU A 172 14.99 4.50 23.87
N ALA A 173 15.45 3.95 22.75
CA ALA A 173 15.77 2.52 22.69
C ALA A 173 16.97 2.20 23.57
N ALA A 174 18.00 3.03 23.53
CA ALA A 174 19.16 2.84 24.40
C ALA A 174 18.74 2.81 25.87
N ALA A 175 17.79 3.68 26.22
CA ALA A 175 17.32 3.80 27.60
C ALA A 175 16.44 2.64 28.05
N GLY A 176 15.96 1.83 27.10
CA GLY A 176 15.15 0.66 27.40
C GLY A 176 13.65 0.82 27.28
N VAL A 177 13.18 1.96 26.75
CA VAL A 177 11.74 2.23 26.62
C VAL A 177 11.23 2.14 25.17
N ALA A 178 12.13 1.86 24.22
CA ALA A 178 11.72 1.77 22.82
C ALA A 178 12.44 0.65 22.10
N HIS A 179 11.87 0.26 20.97
CA HIS A 179 12.51 -0.74 20.10
C HIS A 179 12.28 -0.41 18.64
N ALA A 180 13.34 -0.60 17.86
CA ALA A 180 13.31 -0.34 16.43
C ALA A 180 12.71 -1.52 15.70
N THR A 181 11.99 -1.23 14.62
CA THR A 181 11.44 -2.23 13.72
C THR A 181 12.03 -2.00 12.32
N PRO A 182 12.15 -3.08 11.52
CA PRO A 182 12.73 -2.92 10.17
C PRO A 182 11.93 -1.99 9.28
N ALA A 183 12.62 -1.05 8.64
CA ALA A 183 12.00 -0.09 7.71
C ALA A 183 11.73 -0.73 6.35
N ALA A 184 12.71 -1.51 5.89
CA ALA A 184 12.65 -2.22 4.61
C ALA A 184 13.01 -3.68 4.80
N MET B 1 -20.49 -8.92 13.45
CA MET B 1 -20.03 -9.14 12.04
C MET B 1 -19.47 -10.54 11.83
N SER B 2 -19.37 -10.93 10.56
N SER B 2 -19.38 -10.92 10.56
CA SER B 2 -18.95 -12.27 10.18
CA SER B 2 -18.96 -12.26 10.16
C SER B 2 -17.47 -12.50 10.45
C SER B 2 -17.47 -12.49 10.45
N ILE B 3 -17.10 -13.76 10.62
CA ILE B 3 -15.69 -14.18 10.72
C ILE B 3 -14.86 -13.56 9.59
N SER B 4 -13.65 -13.12 9.91
CA SER B 4 -12.69 -12.64 8.93
C SER B 4 -11.37 -13.34 9.13
N ILE B 5 -10.76 -13.75 8.02
CA ILE B 5 -9.50 -14.48 8.03
C ILE B 5 -8.46 -13.69 7.25
N SER B 6 -7.29 -13.51 7.85
N SER B 6 -7.27 -13.54 7.82
CA SER B 6 -6.11 -12.94 7.19
CA SER B 6 -6.14 -12.93 7.14
C SER B 6 -5.12 -14.09 7.00
C SER B 6 -5.04 -13.97 7.03
N TYR B 7 -4.52 -14.19 5.82
CA TYR B 7 -3.52 -15.24 5.55
C TYR B 7 -2.40 -14.74 4.66
N SER B 8 -1.18 -15.15 4.97
CA SER B 8 -0.06 -14.98 4.06
C SER B 8 -0.31 -15.75 2.76
N THR B 9 0.08 -15.17 1.61
CA THR B 9 -0.10 -15.82 0.31
C THR B 9 0.56 -17.19 0.19
N THR B 10 1.55 -17.47 1.03
CA THR B 10 2.11 -18.82 1.17
C THR B 10 1.05 -19.93 1.27
N TYR B 11 -0.05 -19.65 1.97
CA TYR B 11 -1.09 -20.63 2.23
C TYR B 11 -2.32 -20.49 1.34
N SER B 12 -2.20 -19.75 0.24
CA SER B 12 -3.29 -19.52 -0.71
C SER B 12 -4.04 -20.80 -1.08
N GLY B 13 -3.29 -21.86 -1.40
CA GLY B 13 -3.84 -23.16 -1.78
C GLY B 13 -4.10 -24.17 -0.67
N TRP B 14 -3.70 -23.87 0.56
CA TRP B 14 -4.01 -24.73 1.71
C TRP B 14 -5.46 -24.59 2.13
N THR B 15 -6.01 -25.65 2.73
CA THR B 15 -7.30 -25.57 3.44
C THR B 15 -7.05 -25.11 4.87
N VAL B 16 -8.11 -24.64 5.52
CA VAL B 16 -8.01 -24.18 6.92
C VAL B 16 -7.70 -25.36 7.83
N ALA B 17 -8.43 -26.46 7.65
CA ALA B 17 -8.24 -27.69 8.43
C ALA B 17 -6.81 -28.18 8.31
N ASP B 18 -6.28 -28.17 7.09
CA ASP B 18 -4.86 -28.49 6.84
C ASP B 18 -3.93 -27.61 7.65
N TYR B 19 -4.11 -26.29 7.56
CA TYR B 19 -3.24 -25.34 8.28
C TYR B 19 -3.35 -25.53 9.80
N LEU B 20 -4.56 -25.65 10.32
CA LEU B 20 -4.76 -25.78 11.77
C LEU B 20 -4.19 -27.07 12.35
N ALA B 21 -4.37 -28.19 11.64
CA ALA B 21 -3.77 -29.47 12.04
C ALA B 21 -2.24 -29.41 11.96
N ASP B 22 -1.72 -28.79 10.91
CA ASP B 22 -0.27 -28.65 10.70
C ASP B 22 0.40 -27.74 11.75
N TRP B 23 -0.11 -26.53 11.92
CA TRP B 23 0.42 -25.61 12.94
C TRP B 23 0.41 -26.27 14.33
N SER B 24 -0.68 -26.95 14.66
CA SER B 24 -0.85 -27.58 15.98
C SER B 24 0.14 -28.73 16.19
N ALA B 25 0.43 -29.49 15.14
CA ALA B 25 1.53 -30.48 15.14
C ALA B 25 2.91 -29.84 15.39
N TYR B 26 3.15 -28.68 14.77
N TYR B 26 3.14 -28.68 14.77
CA TYR B 26 4.40 -27.92 14.94
CA TYR B 26 4.39 -27.92 14.89
C TYR B 26 4.56 -27.32 16.35
C TYR B 26 4.57 -27.27 16.28
N PHE B 27 3.50 -26.68 16.81
CA PHE B 27 3.48 -26.09 18.14
C PHE B 27 3.61 -27.17 19.21
N GLY B 28 2.90 -28.27 18.98
CA GLY B 28 2.96 -29.42 19.85
C GLY B 28 2.18 -29.16 21.12
N ASP B 29 2.70 -29.70 22.22
CA ASP B 29 2.02 -29.69 23.50
C ASP B 29 3.01 -29.13 24.51
N VAL B 30 2.68 -27.99 25.11
CA VAL B 30 3.57 -27.37 26.10
C VAL B 30 3.47 -28.02 27.47
N ASN B 31 2.51 -28.93 27.65
CA ASN B 31 2.35 -29.70 28.88
C ASN B 31 2.03 -28.78 30.07
N HIS B 32 1.15 -27.82 29.81
CA HIS B 32 0.59 -26.95 30.84
C HIS B 32 -0.60 -27.68 31.47
N ARG B 33 -0.28 -28.45 32.51
N ARG B 33 -0.31 -28.51 32.46
CA ARG B 33 -1.16 -29.47 33.08
CA ARG B 33 -1.33 -29.36 33.08
C ARG B 33 -0.94 -29.49 34.60
C ARG B 33 -0.93 -29.63 34.53
N PRO B 34 -1.90 -30.04 35.38
CA PRO B 34 -1.65 -30.25 36.82
C PRO B 34 -0.36 -31.01 37.13
N GLY B 35 0.44 -30.45 38.02
CA GLY B 35 1.75 -31.01 38.39
C GLY B 35 2.90 -30.71 37.44
N GLN B 36 2.64 -30.00 36.34
CA GLN B 36 3.63 -29.78 35.28
C GLN B 36 3.95 -28.31 34.97
N VAL B 37 3.41 -27.37 35.76
CA VAL B 37 3.71 -25.95 35.59
C VAL B 37 4.44 -25.49 36.85
N VAL B 38 5.76 -25.41 36.73
CA VAL B 38 6.67 -25.11 37.84
C VAL B 38 7.67 -23.97 37.58
N ASP B 39 7.64 -23.42 36.37
CA ASP B 39 8.55 -22.35 36.00
C ASP B 39 7.95 -21.62 34.80
N GLY B 40 8.74 -20.77 34.16
CA GLY B 40 8.26 -19.95 33.07
C GLY B 40 8.23 -20.55 31.67
N SER B 41 8.60 -21.82 31.54
CA SER B 41 8.78 -22.44 30.23
C SER B 41 7.48 -22.67 29.45
N ASN B 42 6.38 -22.86 30.17
CA ASN B 42 5.10 -23.23 29.52
C ASN B 42 3.89 -22.46 30.06
N THR B 43 4.10 -21.28 30.62
CA THR B 43 3.01 -20.48 31.17
C THR B 43 2.32 -19.62 30.11
N GLY B 44 3.10 -19.09 29.18
CA GLY B 44 2.63 -18.00 28.33
C GLY B 44 2.55 -16.72 29.14
N GLY B 45 1.80 -15.75 28.63
CA GLY B 45 1.64 -14.48 29.33
C GLY B 45 0.48 -13.66 28.81
N PHE B 46 0.03 -12.72 29.65
CA PHE B 46 -1.05 -11.80 29.30
C PHE B 46 -0.50 -10.40 29.06
N ASN B 47 -1.19 -9.67 28.19
CA ASN B 47 -0.97 -8.24 28.00
C ASN B 47 -2.27 -7.50 28.33
N PRO B 48 -2.30 -6.62 29.33
CA PRO B 48 -1.17 -6.24 30.18
C PRO B 48 -0.81 -7.25 31.28
N GLY B 49 -1.70 -8.18 31.59
CA GLY B 49 -1.46 -9.10 32.70
C GLY B 49 -1.64 -8.43 34.05
N PRO B 50 -1.31 -9.14 35.14
CA PRO B 50 -0.69 -10.47 35.10
C PRO B 50 -1.65 -11.63 34.80
N PHE B 51 -2.94 -11.46 35.09
CA PHE B 51 -3.91 -12.56 34.96
C PHE B 51 -5.09 -12.24 34.04
N ASP B 52 -5.02 -11.12 33.33
CA ASP B 52 -6.09 -10.65 32.47
C ASP B 52 -5.46 -9.86 31.34
N GLY B 53 -6.14 -9.78 30.22
CA GLY B 53 -5.68 -8.89 29.17
C GLY B 53 -6.44 -8.91 27.88
N SER B 54 -6.08 -7.97 27.01
CA SER B 54 -6.52 -7.97 25.63
C SER B 54 -5.88 -9.10 24.82
N GLN B 55 -4.75 -9.62 25.31
CA GLN B 55 -4.07 -10.75 24.69
C GLN B 55 -3.59 -11.75 25.71
N TYR B 56 -3.65 -13.03 25.31
CA TYR B 56 -2.89 -14.11 25.93
C TYR B 56 -2.06 -14.72 24.81
N ALA B 57 -0.76 -14.89 25.04
CA ALA B 57 0.15 -15.43 24.02
C ALA B 57 1.05 -16.50 24.61
N LEU B 58 1.43 -17.45 23.76
CA LEU B 58 2.25 -18.56 24.18
C LEU B 58 3.12 -19.01 23.03
N LYS B 59 4.40 -19.20 23.35
CA LYS B 59 5.37 -19.79 22.43
C LYS B 59 5.51 -21.28 22.71
N SER B 60 5.67 -22.07 21.66
CA SER B 60 5.97 -23.49 21.75
C SER B 60 7.29 -23.78 22.48
N THR B 61 7.35 -24.94 23.13
CA THR B 61 8.59 -25.46 23.69
C THR B 61 9.23 -26.50 22.76
N ALA B 62 8.60 -26.77 21.61
CA ALA B 62 9.05 -27.75 20.62
C ALA B 62 9.47 -27.14 19.28
N SER B 63 9.24 -25.84 19.11
CA SER B 63 9.53 -25.11 17.87
C SER B 63 9.44 -23.61 18.15
N ASP B 64 9.59 -22.80 17.10
CA ASP B 64 9.37 -21.34 17.21
C ASP B 64 7.91 -20.92 16.99
N ALA B 65 7.01 -21.89 16.77
CA ALA B 65 5.57 -21.60 16.61
C ALA B 65 4.98 -20.95 17.85
N ALA B 66 3.99 -20.10 17.61
CA ALA B 66 3.32 -19.40 18.70
C ALA B 66 1.93 -18.99 18.28
N PHE B 67 1.11 -18.63 19.27
CA PHE B 67 -0.19 -18.05 18.99
C PHE B 67 -0.48 -16.87 19.91
N ILE B 68 -1.39 -16.02 19.46
CA ILE B 68 -1.91 -14.92 20.27
C ILE B 68 -3.42 -14.98 20.23
N ALA B 69 -4.04 -15.11 21.41
CA ALA B 69 -5.47 -15.03 21.58
C ALA B 69 -5.81 -13.59 21.93
N GLY B 70 -6.73 -13.00 21.19
CA GLY B 70 -7.10 -11.60 21.37
C GLY B 70 -8.55 -11.46 21.78
N GLY B 71 -8.82 -10.52 22.68
CA GLY B 71 -10.18 -10.26 23.11
C GLY B 71 -10.20 -9.54 24.44
N ASP B 72 -11.00 -10.06 25.37
CA ASP B 72 -11.07 -9.52 26.73
C ASP B 72 -11.03 -10.74 27.64
N LEU B 73 -9.83 -11.15 27.99
CA LEU B 73 -9.58 -12.48 28.55
C LEU B 73 -9.19 -12.41 30.02
N HIS B 74 -9.58 -13.44 30.76
CA HIS B 74 -9.36 -13.51 32.20
C HIS B 74 -8.93 -14.91 32.57
N TYR B 75 -8.00 -15.02 33.52
CA TYR B 75 -7.62 -16.31 34.09
C TYR B 75 -7.94 -16.31 35.57
N THR B 76 -8.62 -17.36 36.02
CA THR B 76 -9.05 -17.43 37.42
C THR B 76 -7.94 -17.89 38.37
N LEU B 77 -6.84 -18.42 37.83
CA LEU B 77 -5.71 -18.92 38.63
C LEU B 77 -6.22 -19.93 39.67
N PHE B 78 -6.12 -19.63 40.96
CA PHE B 78 -6.56 -20.58 42.00
C PHE B 78 -8.05 -20.54 42.32
N SER B 79 -8.74 -19.54 41.80
CA SER B 79 -10.08 -19.21 42.28
C SER B 79 -11.18 -19.97 41.55
N ASN B 80 -12.09 -20.56 42.32
CA ASN B 80 -13.24 -21.31 41.81
C ASN B 80 -13.98 -20.55 40.71
N PRO B 81 -14.13 -21.12 39.50
CA PRO B 81 -13.58 -22.40 39.04
C PRO B 81 -12.11 -22.27 38.65
N SER B 82 -11.23 -23.01 39.31
CA SER B 82 -9.79 -22.77 39.17
C SER B 82 -9.29 -23.02 37.76
N HIS B 83 -8.28 -22.25 37.38
CA HIS B 83 -7.56 -22.42 36.13
C HIS B 83 -8.45 -22.37 34.90
N THR B 84 -9.37 -21.42 34.91
CA THR B 84 -10.29 -21.17 33.81
C THR B 84 -9.87 -19.88 33.10
N LEU B 85 -9.58 -20.01 31.81
CA LEU B 85 -9.50 -18.90 30.86
C LEU B 85 -10.89 -18.63 30.29
N TRP B 86 -11.41 -17.44 30.54
CA TRP B 86 -12.76 -17.06 30.12
C TRP B 86 -12.79 -15.61 29.64
N GLY B 87 -13.97 -15.20 29.16
CA GLY B 87 -14.20 -13.85 28.68
C GLY B 87 -14.49 -13.88 27.19
N LYS B 88 -14.12 -12.80 26.52
CA LYS B 88 -14.36 -12.62 25.09
C LYS B 88 -13.13 -13.03 24.31
N LEU B 89 -13.29 -13.97 23.38
CA LEU B 89 -12.24 -14.34 22.43
C LEU B 89 -12.68 -13.85 21.04
N ASP B 90 -12.02 -12.77 20.60
CA ASP B 90 -12.30 -12.16 19.30
C ASP B 90 -11.40 -12.71 18.20
N SER B 91 -10.17 -13.08 18.52
CA SER B 91 -9.21 -13.50 17.50
C SER B 91 -8.21 -14.53 17.98
N ILE B 92 -7.75 -15.35 17.04
CA ILE B 92 -6.60 -16.25 17.22
C ILE B 92 -5.65 -15.94 16.06
N ALA B 93 -4.43 -15.56 16.38
CA ALA B 93 -3.37 -15.32 15.40
C ALA B 93 -2.33 -16.41 15.56
N LEU B 94 -1.98 -17.05 14.44
CA LEU B 94 -1.06 -18.18 14.41
C LEU B 94 0.14 -17.85 13.52
N GLY B 95 1.30 -18.31 13.94
CA GLY B 95 2.52 -18.18 13.13
C GLY B 95 3.72 -18.58 13.94
N ASP B 96 4.83 -17.87 13.75
CA ASP B 96 5.99 -18.11 14.60
C ASP B 96 6.74 -16.85 14.94
N THR B 97 7.67 -17.01 15.88
CA THR B 97 8.55 -15.95 16.37
C THR B 97 7.71 -14.90 17.10
N LEU B 98 7.22 -15.31 18.27
CA LEU B 98 6.50 -14.40 19.16
C LEU B 98 7.45 -13.32 19.64
N THR B 99 6.98 -12.08 19.58
CA THR B 99 7.73 -10.92 20.06
C THR B 99 6.86 -10.10 20.99
N GLY B 100 7.52 -9.23 21.76
CA GLY B 100 6.82 -8.32 22.63
C GLY B 100 6.22 -8.97 23.85
N GLY B 101 5.10 -8.41 24.29
CA GLY B 101 4.43 -8.80 25.53
C GLY B 101 4.02 -7.55 26.28
N ALA B 102 3.70 -7.71 27.56
CA ALA B 102 3.17 -6.60 28.36
C ALA B 102 4.11 -5.39 28.40
N SER B 103 5.42 -5.65 28.50
CA SER B 103 6.40 -4.56 28.59
C SER B 103 6.50 -3.73 27.31
N SER B 104 6.12 -4.34 26.17
CA SER B 104 6.04 -3.64 24.88
C SER B 104 4.64 -3.10 24.56
N GLY B 105 3.70 -3.29 25.47
CA GLY B 105 2.30 -2.95 25.25
C GLY B 105 1.56 -3.80 24.24
N GLY B 106 2.07 -4.99 23.95
CA GLY B 106 1.42 -5.87 22.99
C GLY B 106 2.34 -6.98 22.52
N TYR B 107 1.75 -8.15 22.27
CA TYR B 107 2.41 -9.23 21.59
C TYR B 107 2.22 -9.09 20.09
N ALA B 108 3.19 -9.61 19.35
CA ALA B 108 3.07 -9.72 17.89
C ALA B 108 3.87 -10.92 17.43
N LEU B 109 3.49 -11.44 16.28
CA LEU B 109 4.23 -12.52 15.62
C LEU B 109 5.07 -11.89 14.52
N ASP B 110 6.39 -12.13 14.57
CA ASP B 110 7.29 -11.66 13.49
C ASP B 110 6.94 -12.27 12.13
N SER B 111 6.44 -13.49 12.14
N SER B 111 6.44 -13.50 12.12
CA SER B 111 5.92 -14.16 10.95
CA SER B 111 5.91 -14.09 10.90
C SER B 111 4.50 -14.63 11.21
C SER B 111 4.51 -14.61 11.17
N GLN B 112 3.55 -13.69 11.13
CA GLN B 112 2.14 -14.02 11.31
C GLN B 112 1.64 -14.66 10.02
N GLU B 113 1.11 -15.86 10.15
CA GLU B 113 0.76 -16.67 9.00
C GLU B 113 -0.72 -16.63 8.71
N VAL B 114 -1.53 -16.90 9.73
CA VAL B 114 -2.98 -16.94 9.59
C VAL B 114 -3.61 -16.37 10.85
N SER B 115 -4.63 -15.54 10.68
CA SER B 115 -5.43 -15.10 11.83
C SER B 115 -6.91 -15.29 11.53
N PHE B 116 -7.66 -15.63 12.58
CA PHE B 116 -9.09 -15.79 12.54
C PHE B 116 -9.64 -14.76 13.51
N SER B 117 -10.43 -13.82 13.01
N SER B 117 -10.44 -13.83 13.00
CA SER B 117 -10.97 -12.73 13.81
CA SER B 117 -10.96 -12.71 13.79
C SER B 117 -12.48 -12.63 13.67
C SER B 117 -12.47 -12.63 13.65
N ASN B 118 -13.08 -11.76 14.46
CA ASN B 118 -14.56 -11.67 14.58
C ASN B 118 -15.15 -13.03 14.98
N LEU B 119 -14.46 -13.72 15.88
CA LEU B 119 -14.90 -15.02 16.35
C LEU B 119 -16.17 -14.92 17.18
N GLY B 120 -16.36 -13.79 17.86
CA GLY B 120 -17.57 -13.53 18.64
C GLY B 120 -17.83 -14.52 19.76
N LEU B 121 -16.77 -15.14 20.27
CA LEU B 121 -16.88 -16.13 21.33
C LEU B 121 -16.86 -15.40 22.66
N ASP B 122 -17.79 -15.78 23.53
CA ASP B 122 -17.94 -15.19 24.84
C ASP B 122 -18.32 -16.29 25.81
N SER B 123 -17.42 -16.63 26.71
CA SER B 123 -17.65 -17.69 27.70
C SER B 123 -17.68 -17.09 29.10
N PRO B 124 -18.79 -17.30 29.83
CA PRO B 124 -18.85 -16.80 31.19
C PRO B 124 -17.99 -17.63 32.13
N ILE B 125 -17.57 -17.03 33.24
CA ILE B 125 -16.78 -17.73 34.25
C ILE B 125 -17.46 -19.00 34.78
N ALA B 126 -18.78 -18.98 34.90
CA ALA B 126 -19.53 -20.12 35.46
C ALA B 126 -19.41 -21.44 34.69
N GLN B 127 -19.08 -21.38 33.40
CA GLN B 127 -18.86 -22.58 32.63
C GLN B 127 -17.50 -23.24 32.92
N GLY B 128 -16.60 -22.51 33.57
CA GLY B 128 -15.32 -23.06 33.99
C GLY B 128 -14.52 -23.54 32.79
N ARG B 129 -13.83 -24.66 32.96
CA ARG B 129 -13.00 -25.23 31.89
C ARG B 129 -13.81 -25.95 30.79
N ASP B 130 -15.13 -25.99 30.93
CA ASP B 130 -16.02 -26.44 29.83
C ASP B 130 -16.47 -25.30 28.91
N GLY B 131 -16.09 -24.07 29.22
CA GLY B 131 -16.36 -22.93 28.34
C GLY B 131 -15.64 -23.07 27.00
N THR B 132 -16.30 -22.61 25.94
CA THR B 132 -15.75 -22.70 24.58
C THR B 132 -14.42 -21.96 24.46
N VAL B 133 -14.32 -20.77 25.07
CA VAL B 133 -13.07 -20.00 25.03
C VAL B 133 -11.93 -20.82 25.64
N HIS B 134 -12.17 -21.39 26.82
CA HIS B 134 -11.17 -22.25 27.46
C HIS B 134 -10.75 -23.42 26.58
N LYS B 135 -11.75 -24.13 26.05
CA LYS B 135 -11.48 -25.31 25.24
C LYS B 135 -10.70 -24.96 23.98
N VAL B 136 -11.04 -23.84 23.34
CA VAL B 136 -10.33 -23.41 22.14
C VAL B 136 -8.86 -23.11 22.47
N VAL B 137 -8.63 -22.27 23.47
CA VAL B 137 -7.27 -21.81 23.78
C VAL B 137 -6.44 -22.96 24.38
N TYR B 138 -7.00 -23.68 25.35
CA TYR B 138 -6.31 -24.82 25.94
C TYR B 138 -5.99 -25.92 24.92
N GLY B 139 -6.89 -26.12 23.96
CA GLY B 139 -6.62 -27.01 22.83
C GLY B 139 -5.35 -26.65 22.10
N LEU B 140 -5.18 -25.38 21.78
CA LEU B 140 -3.97 -24.90 21.12
C LEU B 140 -2.72 -25.05 21.98
N MET B 141 -2.87 -24.80 23.29
CA MET B 141 -1.77 -25.01 24.24
C MET B 141 -1.32 -26.47 24.32
N SER B 142 -2.27 -27.40 24.13
N SER B 142 -2.26 -27.38 24.12
CA SER B 142 -2.04 -28.82 24.38
CA SER B 142 -2.06 -28.82 24.35
C SER B 142 -1.87 -29.70 23.14
C SER B 142 -2.02 -29.69 23.10
N GLY B 143 -1.72 -29.10 21.95
CA GLY B 143 -1.55 -29.87 20.70
C GLY B 143 -2.81 -30.39 20.02
N ASP B 144 -3.95 -29.78 20.31
CA ASP B 144 -5.23 -30.22 19.76
C ASP B 144 -6.05 -29.01 19.30
N SER B 145 -6.03 -28.75 17.99
CA SER B 145 -6.82 -27.65 17.40
C SER B 145 -8.31 -27.94 17.10
N SER B 146 -8.79 -29.13 17.49
N SER B 146 -8.81 -29.13 17.48
CA SER B 146 -10.17 -29.57 17.19
CA SER B 146 -10.17 -29.55 17.15
C SER B 146 -11.23 -28.55 17.60
C SER B 146 -11.26 -28.58 17.61
N ALA B 147 -11.11 -28.01 18.81
CA ALA B 147 -12.08 -27.04 19.32
C ALA B 147 -12.10 -25.78 18.45
N LEU B 148 -10.92 -25.26 18.15
CA LEU B 148 -10.83 -24.11 17.25
C LEU B 148 -11.43 -24.43 15.88
N GLN B 149 -11.07 -25.58 15.32
CA GLN B 149 -11.59 -26.01 14.02
C GLN B 149 -13.12 -26.06 13.98
N GLY B 150 -13.70 -26.63 15.03
CA GLY B 150 -15.17 -26.69 15.17
C GLY B 150 -15.83 -25.33 15.15
N GLN B 151 -15.26 -24.36 15.85
CA GLN B 151 -15.80 -23.00 15.89
C GLN B 151 -15.65 -22.27 14.56
N ILE B 152 -14.48 -22.39 13.94
N ILE B 152 -14.49 -22.39 13.93
CA ILE B 152 -14.22 -21.82 12.62
CA ILE B 152 -14.28 -21.76 12.62
C ILE B 152 -15.20 -22.34 11.57
C ILE B 152 -15.27 -22.33 11.59
N ASP B 153 -15.45 -23.65 11.60
CA ASP B 153 -16.39 -24.31 10.68
C ASP B 153 -17.83 -23.79 10.84
N ALA B 154 -18.28 -23.71 12.09
CA ALA B 154 -19.60 -23.14 12.40
C ALA B 154 -19.73 -21.69 11.94
N LEU B 155 -18.70 -20.89 12.20
CA LEU B 155 -18.73 -19.48 11.82
C LEU B 155 -18.74 -19.30 10.31
N LEU B 156 -17.94 -20.08 9.61
CA LEU B 156 -17.92 -20.02 8.13
C LEU B 156 -19.26 -20.38 7.52
N LYS B 157 -19.88 -21.45 8.02
CA LYS B 157 -21.19 -21.90 7.54
C LYS B 157 -22.33 -20.92 7.84
N ALA B 158 -22.23 -20.20 8.96
CA ALA B 158 -23.21 -19.15 9.31
C ALA B 158 -23.26 -18.00 8.29
N VAL B 159 -22.13 -17.71 7.65
CA VAL B 159 -22.02 -16.61 6.69
C VAL B 159 -22.21 -17.07 5.26
N ASP B 160 -21.63 -18.22 4.92
CA ASP B 160 -21.66 -18.79 3.57
C ASP B 160 -21.61 -20.32 3.72
N PRO B 161 -22.77 -21.00 3.56
CA PRO B 161 -22.83 -22.47 3.67
C PRO B 161 -21.88 -23.29 2.78
N SER B 162 -21.36 -22.68 1.70
CA SER B 162 -20.37 -23.34 0.85
C SER B 162 -18.97 -23.40 1.43
N LEU B 163 -18.69 -22.60 2.47
CA LEU B 163 -17.37 -22.56 3.08
C LEU B 163 -17.30 -23.49 4.28
N SER B 164 -16.11 -24.03 4.48
CA SER B 164 -15.83 -24.91 5.61
C SER B 164 -14.36 -24.83 5.93
N ILE B 165 -13.96 -25.60 6.93
CA ILE B 165 -12.54 -25.79 7.21
C ILE B 165 -11.76 -26.53 6.09
N ASN B 166 -12.47 -27.19 5.18
CA ASN B 166 -11.87 -27.81 4.00
C ASN B 166 -11.77 -26.87 2.77
N SER B 167 -12.29 -25.64 2.88
CA SER B 167 -12.10 -24.61 1.86
C SER B 167 -10.66 -24.11 1.85
N THR B 168 -10.15 -23.73 0.68
CA THR B 168 -8.82 -23.10 0.63
C THR B 168 -8.89 -21.65 1.08
N PHE B 169 -7.76 -21.10 1.46
CA PHE B 169 -7.71 -19.69 1.84
C PHE B 169 -8.10 -18.74 0.70
N ASP B 170 -7.63 -19.01 -0.51
CA ASP B 170 -8.08 -18.24 -1.69
C ASP B 170 -9.57 -18.40 -1.98
N GLN B 171 -10.12 -19.58 -1.72
CA GLN B 171 -11.56 -19.80 -1.82
C GLN B 171 -12.31 -18.91 -0.82
N LEU B 172 -11.82 -18.85 0.41
CA LEU B 172 -12.40 -17.96 1.43
C LEU B 172 -12.31 -16.49 1.04
N ALA B 173 -11.19 -16.11 0.44
CA ALA B 173 -11.02 -14.74 -0.05
C ALA B 173 -12.00 -14.42 -1.17
N ALA B 174 -12.13 -15.33 -2.12
CA ALA B 174 -13.09 -15.15 -3.21
C ALA B 174 -14.51 -14.95 -2.70
N ALA B 175 -14.86 -15.68 -1.64
CA ALA B 175 -16.18 -15.62 -1.04
C ALA B 175 -16.43 -14.34 -0.24
N GLY B 176 -15.37 -13.60 0.08
CA GLY B 176 -15.48 -12.31 0.77
C GLY B 176 -15.22 -12.35 2.25
N VAL B 177 -14.74 -13.48 2.79
CA VAL B 177 -14.51 -13.62 4.23
C VAL B 177 -13.02 -13.63 4.61
N ALA B 178 -12.13 -13.56 3.63
CA ALA B 178 -10.69 -13.59 3.91
C ALA B 178 -9.93 -12.62 3.02
N HIS B 179 -8.72 -12.28 3.45
CA HIS B 179 -7.83 -11.48 2.61
C HIS B 179 -6.39 -11.92 2.74
N ALA B 180 -5.70 -11.90 1.62
CA ALA B 180 -4.31 -12.31 1.55
C ALA B 180 -3.41 -11.15 1.93
N THR B 181 -2.31 -11.49 2.59
CA THR B 181 -1.25 -10.55 2.96
C THR B 181 0.04 -10.99 2.29
N PRO B 182 0.95 -10.04 1.99
CA PRO B 182 2.18 -10.40 1.28
C PRO B 182 3.08 -11.33 2.08
N ALA B 183 3.53 -12.41 1.45
CA ALA B 183 4.42 -13.39 2.09
C ALA B 183 5.86 -12.89 2.13
N ALA B 184 6.26 -12.19 1.08
CA ALA B 184 7.60 -11.61 0.95
C ALA B 184 7.51 -10.17 0.46
N MET C 1 8.71 20.87 -25.26
CA MET C 1 7.77 21.58 -24.34
C MET C 1 8.37 21.80 -22.96
N SER C 2 7.74 22.70 -22.21
CA SER C 2 8.21 23.12 -20.89
C SER C 2 8.10 22.00 -19.86
N ILE C 3 8.96 22.05 -18.85
CA ILE C 3 8.81 21.22 -17.64
C ILE C 3 7.35 21.23 -17.14
N SER C 4 6.87 20.06 -16.73
CA SER C 4 5.56 19.93 -16.11
C SER C 4 5.69 19.15 -14.82
N ILE C 5 5.00 19.62 -13.80
CA ILE C 5 5.08 19.04 -12.46
C ILE C 5 3.68 18.59 -12.03
N SER C 6 3.59 17.35 -11.53
CA SER C 6 2.34 16.84 -10.94
C SER C 6 2.63 16.66 -9.46
N TYR C 7 1.72 17.10 -8.59
CA TYR C 7 1.90 16.99 -7.15
C TYR C 7 0.61 16.69 -6.44
N SER C 8 0.68 15.83 -5.44
CA SER C 8 -0.44 15.61 -4.52
C SER C 8 -0.73 16.90 -3.76
N THR C 9 -2.02 17.19 -3.51
CA THR C 9 -2.40 18.41 -2.76
C THR C 9 -1.80 18.50 -1.36
N THR C 10 -1.38 17.36 -0.80
CA THR C 10 -0.61 17.35 0.43
C THR C 10 0.55 18.37 0.44
N TYR C 11 1.20 18.54 -0.71
CA TYR C 11 2.38 19.39 -0.84
C TYR C 11 2.12 20.76 -1.49
N SER C 12 0.87 21.18 -1.54
CA SER C 12 0.46 22.47 -2.11
C SER C 12 1.32 23.65 -1.65
N GLY C 13 1.54 23.74 -0.34
CA GLY C 13 2.34 24.81 0.28
C GLY C 13 3.84 24.56 0.46
N TRP C 14 4.32 23.37 0.11
CA TRP C 14 5.76 23.09 0.10
C TRP C 14 6.45 23.71 -1.10
N THR C 15 7.73 24.01 -0.95
CA THR C 15 8.59 24.36 -2.08
C THR C 15 9.16 23.08 -2.68
N VAL C 16 9.65 23.19 -3.91
CA VAL C 16 10.25 22.04 -4.62
C VAL C 16 11.54 21.61 -3.93
N ALA C 17 12.39 22.58 -3.61
CA ALA C 17 13.65 22.34 -2.91
C ALA C 17 13.42 21.62 -1.60
N ASP C 18 12.44 22.10 -0.84
CA ASP C 18 12.01 21.45 0.41
C ASP C 18 11.61 20.00 0.19
N TYR C 19 10.76 19.74 -0.80
CA TYR C 19 10.31 18.38 -1.07
C TYR C 19 11.48 17.48 -1.51
N LEU C 20 12.33 17.98 -2.42
CA LEU C 20 13.44 17.18 -2.94
C LEU C 20 14.48 16.82 -1.88
N ALA C 21 14.82 17.80 -1.03
CA ALA C 21 15.74 17.55 0.09
C ALA C 21 15.13 16.57 1.10
N ASP C 22 13.84 16.73 1.38
CA ASP C 22 13.12 15.87 2.32
C ASP C 22 12.98 14.42 1.82
N TRP C 23 12.46 14.26 0.60
CA TRP C 23 12.34 12.92 0.00
C TRP C 23 13.71 12.21 -0.01
N SER C 24 14.75 12.95 -0.38
CA SER C 24 16.12 12.39 -0.48
C SER C 24 16.67 11.95 0.88
N ALA C 25 16.37 12.73 1.93
CA ALA C 25 16.68 12.32 3.31
C ALA C 25 15.94 11.03 3.73
N TYR C 26 14.68 10.92 3.32
N TYR C 26 14.68 10.93 3.31
CA TYR C 26 13.86 9.73 3.60
CA TYR C 26 13.79 9.78 3.57
C TYR C 26 14.34 8.49 2.84
C TYR C 26 14.25 8.50 2.82
N PHE C 27 14.56 8.65 1.54
CA PHE C 27 15.08 7.57 0.71
C PHE C 27 16.47 7.13 1.16
N GLY C 28 17.29 8.10 1.49
CA GLY C 28 18.62 7.86 2.00
C GLY C 28 19.56 7.44 0.90
N ASP C 29 20.49 6.56 1.26
CA ASP C 29 21.56 6.15 0.37
C ASP C 29 21.54 4.63 0.35
N VAL C 30 21.29 4.06 -0.83
CA VAL C 30 21.24 2.59 -0.96
C VAL C 30 22.63 1.96 -1.03
N ASN C 31 23.67 2.79 -1.12
CA ASN C 31 25.06 2.33 -1.10
C ASN C 31 25.35 1.44 -2.31
N HIS C 32 24.84 1.86 -3.45
CA HIS C 32 25.13 1.24 -4.74
C HIS C 32 26.42 1.87 -5.26
N ARG C 33 27.55 1.28 -4.88
N ARG C 33 27.55 1.27 -4.87
CA ARG C 33 28.86 1.80 -5.26
CA ARG C 33 28.87 1.79 -5.23
C ARG C 33 29.88 0.66 -5.25
C ARG C 33 29.82 0.61 -5.41
N PRO C 34 31.05 0.85 -5.91
CA PRO C 34 32.03 -0.23 -6.04
C PRO C 34 32.32 -1.01 -4.76
N GLY C 35 32.25 -2.33 -4.86
CA GLY C 35 32.43 -3.24 -3.72
C GLY C 35 31.21 -3.48 -2.86
N GLN C 36 30.11 -2.77 -3.13
CA GLN C 36 28.92 -2.78 -2.26
C GLN C 36 27.63 -3.27 -2.94
N VAL C 37 27.74 -3.77 -4.17
CA VAL C 37 26.57 -4.33 -4.86
C VAL C 37 26.88 -5.81 -5.07
N VAL C 38 26.31 -6.62 -4.19
CA VAL C 38 26.57 -8.07 -4.14
C VAL C 38 25.28 -8.91 -4.19
N ASP C 39 24.11 -8.26 -4.17
CA ASP C 39 22.84 -8.97 -4.20
C ASP C 39 21.76 -8.03 -4.71
N GLY C 40 20.50 -8.44 -4.55
CA GLY C 40 19.38 -7.66 -5.06
C GLY C 40 18.85 -6.51 -4.23
N SER C 41 19.48 -6.23 -3.09
CA SER C 41 18.95 -5.27 -2.12
C SER C 41 19.04 -3.81 -2.58
N ASN C 42 20.01 -3.50 -3.45
CA ASN C 42 20.25 -2.11 -3.84
C ASN C 42 20.53 -1.91 -5.33
N THR C 43 20.05 -2.82 -6.16
CA THR C 43 20.25 -2.74 -7.61
C THR C 43 19.22 -1.86 -8.30
N GLY C 44 17.98 -1.92 -7.83
CA GLY C 44 16.85 -1.39 -8.61
C GLY C 44 16.56 -2.33 -9.77
N GLY C 45 15.83 -1.83 -10.75
CA GLY C 45 15.51 -2.63 -11.93
C GLY C 45 15.02 -1.79 -13.09
N PHE C 46 15.11 -2.36 -14.29
CA PHE C 46 14.64 -1.72 -15.50
C PHE C 46 13.36 -2.39 -16.00
N ASN C 47 12.53 -1.59 -16.68
CA ASN C 47 11.38 -2.10 -17.42
C ASN C 47 11.55 -1.68 -18.88
N PRO C 48 11.67 -2.62 -19.83
CA PRO C 48 11.58 -4.07 -19.63
C PRO C 48 12.85 -4.73 -19.04
N GLY C 49 13.99 -4.04 -19.10
CA GLY C 49 15.25 -4.63 -18.69
C GLY C 49 15.76 -5.67 -19.68
N PRO C 50 16.84 -6.36 -19.33
CA PRO C 50 17.50 -6.29 -18.03
C PRO C 50 18.40 -5.07 -17.80
N PHE C 51 18.90 -4.46 -18.87
CA PHE C 51 19.89 -3.37 -18.74
C PHE C 51 19.48 -2.07 -19.44
N ASP C 52 18.24 -2.01 -19.89
CA ASP C 52 17.71 -0.88 -20.66
C ASP C 52 16.22 -0.81 -20.42
N GLY C 53 15.64 0.37 -20.59
CA GLY C 53 14.21 0.45 -20.49
C GLY C 53 13.61 1.83 -20.60
N SER C 54 12.29 1.85 -20.69
CA SER C 54 11.51 3.07 -20.53
C SER C 54 11.50 3.56 -19.08
N GLN C 55 11.79 2.67 -18.14
CA GLN C 55 11.88 3.01 -16.72
C GLN C 55 13.07 2.35 -16.06
N TYR C 56 13.68 3.08 -15.13
CA TYR C 56 14.54 2.53 -14.08
C TYR C 56 13.91 2.95 -12.75
N ALA C 57 13.74 1.99 -11.85
CA ALA C 57 13.10 2.25 -10.56
C ALA C 57 13.88 1.62 -9.43
N LEU C 58 13.81 2.23 -8.27
CA LEU C 58 14.56 1.78 -7.11
C LEU C 58 13.80 2.13 -5.85
N LYS C 59 13.69 1.14 -4.97
CA LYS C 59 13.13 1.31 -3.63
C LYS C 59 14.27 1.53 -2.63
N SER C 60 14.02 2.39 -1.65
CA SER C 60 14.92 2.63 -0.54
C SER C 60 15.16 1.36 0.29
N THR C 61 16.35 1.27 0.89
CA THR C 61 16.64 0.24 1.90
C THR C 61 16.48 0.79 3.33
N ALA C 62 16.12 2.06 3.45
CA ALA C 62 15.96 2.76 4.74
C ALA C 62 14.52 3.18 5.04
N SER C 63 13.61 3.00 4.07
CA SER C 63 12.21 3.40 4.17
C SER C 63 11.42 2.76 3.03
N ASP C 64 10.15 3.10 2.91
CA ASP C 64 9.32 2.68 1.77
C ASP C 64 9.38 3.65 0.57
N ALA C 65 10.20 4.70 0.67
CA ALA C 65 10.38 5.67 -0.42
C ALA C 65 10.96 5.02 -1.65
N ALA C 66 10.59 5.55 -2.80
CA ALA C 66 11.08 5.05 -4.07
C ALA C 66 11.00 6.11 -5.14
N PHE C 67 11.70 5.87 -6.25
CA PHE C 67 11.59 6.73 -7.42
C PHE C 67 11.53 5.90 -8.68
N ILE C 68 10.97 6.51 -9.72
CA ILE C 68 10.96 5.94 -11.06
C ILE C 68 11.49 7.01 -12.02
N ALA C 69 12.57 6.66 -12.70
CA ALA C 69 13.12 7.46 -13.79
C ALA C 69 12.52 6.96 -15.09
N GLY C 70 11.96 7.87 -15.87
CA GLY C 70 11.28 7.52 -17.11
C GLY C 70 11.94 8.16 -18.33
N GLY C 71 11.98 7.42 -19.42
CA GLY C 71 12.54 7.94 -20.66
C GLY C 71 12.97 6.82 -21.57
N ASP C 72 14.21 6.88 -22.03
CA ASP C 72 14.80 5.85 -22.88
C ASP C 72 16.20 5.64 -22.34
N LEU C 73 16.30 4.73 -21.38
CA LEU C 73 17.47 4.66 -20.50
C LEU C 73 18.27 3.39 -20.76
N HIS C 74 19.58 3.49 -20.56
CA HIS C 74 20.52 2.40 -20.85
C HIS C 74 21.55 2.34 -19.74
N TYR C 75 21.92 1.13 -19.35
CA TYR C 75 23.04 0.93 -18.41
C TYR C 75 24.14 0.15 -19.10
N THR C 76 25.36 0.66 -19.02
CA THR C 76 26.50 0.02 -19.70
C THR C 76 27.06 -1.19 -18.97
N LEU C 77 26.69 -1.37 -17.70
CA LEU C 77 27.16 -2.49 -16.86
C LEU C 77 28.70 -2.52 -16.87
N PHE C 78 29.32 -3.56 -17.43
CA PHE C 78 30.79 -3.65 -17.42
C PHE C 78 31.48 -2.87 -18.54
N SER C 79 30.72 -2.41 -19.52
CA SER C 79 31.27 -1.95 -20.78
C SER C 79 31.66 -0.48 -20.76
N ASN C 80 32.88 -0.19 -21.23
CA ASN C 80 33.44 1.16 -21.32
C ASN C 80 32.44 2.13 -21.96
N PRO C 81 32.05 3.23 -21.30
CA PRO C 81 32.42 3.61 -19.92
C PRO C 81 31.55 2.86 -18.91
N SER C 82 32.19 2.06 -18.06
CA SER C 82 31.46 1.15 -17.20
C SER C 82 30.53 1.85 -16.23
N HIS C 83 29.42 1.17 -15.96
CA HIS C 83 28.45 1.59 -14.95
C HIS C 83 27.90 2.98 -15.18
N THR C 84 27.61 3.27 -16.45
CA THR C 84 27.00 4.52 -16.86
C THR C 84 25.54 4.29 -17.21
N LEU C 85 24.66 4.99 -16.52
CA LEU C 85 23.26 5.19 -16.91
C LEU C 85 23.15 6.41 -17.82
N TRP C 86 22.69 6.20 -19.04
CA TRP C 86 22.64 7.24 -20.07
C TRP C 86 21.38 7.11 -20.91
N GLY C 87 21.20 8.07 -21.82
CA GLY C 87 20.06 8.11 -22.72
C GLY C 87 19.17 9.29 -22.40
N LYS C 88 17.88 9.14 -22.68
CA LYS C 88 16.89 10.19 -22.48
C LYS C 88 16.21 10.01 -21.13
N LEU C 89 16.28 11.07 -20.30
CA LEU C 89 15.54 11.13 -19.04
C LEU C 89 14.44 12.19 -19.22
N ASP C 90 13.21 11.71 -19.36
CA ASP C 90 12.04 12.56 -19.52
C ASP C 90 11.35 12.90 -18.22
N SER C 91 11.41 11.99 -17.24
CA SER C 91 10.67 12.17 -15.99
C SER C 91 11.33 11.52 -14.78
N ILE C 92 11.07 12.11 -13.61
CA ILE C 92 11.41 11.56 -12.31
C ILE C 92 10.12 11.61 -11.50
N ALA C 93 9.66 10.44 -11.03
CA ALA C 93 8.47 10.33 -10.19
C ALA C 93 8.94 9.89 -8.82
N LEU C 94 8.47 10.61 -7.78
CA LEU C 94 8.89 10.39 -6.41
C LEU C 94 7.70 10.10 -5.53
N GLY C 95 7.89 9.19 -4.57
CA GLY C 95 6.84 8.87 -3.62
C GLY C 95 7.24 7.68 -2.78
N ASP C 96 6.28 6.85 -2.43
CA ASP C 96 6.61 5.59 -1.76
C ASP C 96 5.75 4.42 -2.25
N THR C 97 6.15 3.23 -1.83
CA THR C 97 5.47 1.99 -2.13
C THR C 97 5.56 1.71 -3.64
N LEU C 98 6.78 1.37 -4.06
CA LEU C 98 7.02 0.94 -5.42
C LEU C 98 6.29 -0.37 -5.69
N THR C 99 5.60 -0.45 -6.81
CA THR C 99 4.90 -1.66 -7.22
C THR C 99 5.27 -1.97 -8.66
N GLY C 100 4.98 -3.20 -9.07
CA GLY C 100 5.18 -3.63 -10.44
C GLY C 100 6.64 -3.84 -10.79
N GLY C 101 6.95 -3.57 -12.05
CA GLY C 101 8.26 -3.84 -12.64
C GLY C 101 8.07 -4.49 -13.98
N ALA C 102 9.15 -5.08 -14.51
CA ALA C 102 9.11 -5.63 -15.88
C ALA C 102 8.02 -6.68 -16.05
N SER C 103 7.85 -7.57 -15.07
CA SER C 103 6.85 -8.63 -15.16
C SER C 103 5.40 -8.10 -15.23
N SER C 104 5.18 -6.91 -14.68
CA SER C 104 3.88 -6.21 -14.77
C SER C 104 3.79 -5.24 -15.96
N GLY C 105 4.83 -5.18 -16.78
CA GLY C 105 4.93 -4.21 -17.87
C GLY C 105 5.08 -2.75 -17.46
N GLY C 106 5.51 -2.50 -16.23
CA GLY C 106 5.68 -1.13 -15.75
C GLY C 106 5.76 -1.04 -14.26
N TYR C 107 6.59 -0.12 -13.79
CA TYR C 107 6.61 0.27 -12.39
C TYR C 107 5.58 1.37 -12.15
N ALA C 108 5.08 1.41 -10.92
CA ALA C 108 4.22 2.50 -10.46
C ALA C 108 4.46 2.69 -8.97
N LEU C 109 4.18 3.88 -8.49
CA LEU C 109 4.21 4.18 -7.07
C LEU C 109 2.78 4.13 -6.57
N ASP C 110 2.53 3.34 -5.53
CA ASP C 110 1.20 3.29 -4.92
C ASP C 110 0.80 4.63 -4.28
N SER C 111 1.79 5.36 -3.79
N SER C 111 1.79 5.36 -3.79
CA SER C 111 1.60 6.72 -3.30
CA SER C 111 1.60 6.72 -3.30
C SER C 111 2.56 7.65 -4.02
C SER C 111 2.55 7.67 -4.01
N GLN C 112 2.21 8.01 -5.25
CA GLN C 112 3.00 8.96 -6.03
C GLN C 112 2.73 10.35 -5.50
N GLU C 113 3.79 11.04 -5.13
CA GLU C 113 3.70 12.32 -4.44
C GLU C 113 3.98 13.48 -5.37
N VAL C 114 5.10 13.41 -6.08
CA VAL C 114 5.52 14.50 -6.97
C VAL C 114 6.21 13.88 -8.17
N SER C 115 5.91 14.40 -9.35
CA SER C 115 6.64 14.01 -10.55
C SER C 115 7.08 15.25 -11.32
N PHE C 116 8.27 15.14 -11.93
CA PHE C 116 8.83 16.17 -12.77
C PHE C 116 8.97 15.54 -14.13
N SER C 117 8.26 16.07 -15.12
N SER C 117 8.28 16.09 -15.12
CA SER C 117 8.24 15.52 -16.48
CA SER C 117 8.23 15.54 -16.48
C SER C 117 8.60 16.59 -17.49
C SER C 117 8.61 16.60 -17.50
N ASN C 118 8.77 16.17 -18.75
CA ASN C 118 9.30 17.04 -19.83
C ASN C 118 10.68 17.60 -19.46
N LEU C 119 11.50 16.78 -18.81
CA LEU C 119 12.83 17.24 -18.38
C LEU C 119 13.76 17.48 -19.57
N GLY C 120 13.53 16.77 -20.67
CA GLY C 120 14.28 16.97 -21.91
C GLY C 120 15.77 16.70 -21.80
N LEU C 121 16.17 15.85 -20.85
CA LEU C 121 17.57 15.54 -20.62
C LEU C 121 17.95 14.39 -21.51
N ASP C 122 19.11 14.53 -22.16
CA ASP C 122 19.61 13.54 -23.10
C ASP C 122 21.12 13.52 -22.94
N SER C 123 21.65 12.44 -22.37
CA SER C 123 23.08 12.29 -22.13
C SER C 123 23.62 11.17 -23.01
N PRO C 124 24.63 11.48 -23.84
CA PRO C 124 25.24 10.45 -24.66
C PRO C 124 26.16 9.55 -23.82
N ILE C 125 26.36 8.33 -24.30
CA ILE C 125 27.24 7.38 -23.64
C ILE C 125 28.67 7.91 -23.42
N ALA C 126 29.20 8.72 -24.34
CA ALA C 126 30.57 9.23 -24.25
C ALA C 126 30.87 10.08 -23.01
N GLN C 127 29.85 10.71 -22.44
CA GLN C 127 30.05 11.49 -21.21
C GLN C 127 30.22 10.62 -19.98
N GLY C 128 29.87 9.35 -20.09
CA GLY C 128 30.10 8.38 -19.01
C GLY C 128 29.32 8.80 -17.78
N ARG C 129 29.92 8.59 -16.61
CA ARG C 129 29.29 8.96 -15.35
C ARG C 129 29.34 10.47 -15.07
N ASP C 130 29.91 11.27 -15.98
CA ASP C 130 29.79 12.74 -15.96
C ASP C 130 28.55 13.27 -16.68
N GLY C 131 27.79 12.40 -17.33
CA GLY C 131 26.53 12.79 -17.95
C GLY C 131 25.52 13.29 -16.94
N THR C 132 24.74 14.29 -17.34
CA THR C 132 23.69 14.85 -16.49
C THR C 132 22.67 13.79 -16.07
N VAL C 133 22.25 12.93 -16.99
CA VAL C 133 21.31 11.86 -16.65
C VAL C 133 21.87 10.99 -15.55
N HIS C 134 23.12 10.54 -15.71
CA HIS C 134 23.76 9.72 -14.68
C HIS C 134 23.81 10.43 -13.34
N LYS C 135 24.27 11.67 -13.34
CA LYS C 135 24.41 12.43 -12.10
C LYS C 135 23.07 12.65 -11.41
N VAL C 136 22.03 12.92 -12.19
CA VAL C 136 20.69 13.11 -11.62
C VAL C 136 20.22 11.82 -10.94
N VAL C 137 20.24 10.71 -11.67
CA VAL C 137 19.70 9.45 -11.16
C VAL C 137 20.58 8.90 -10.05
N TYR C 138 21.89 8.86 -10.26
CA TYR C 138 22.82 8.38 -9.21
C TYR C 138 22.74 9.22 -7.94
N GLY C 139 22.56 10.53 -8.09
CA GLY C 139 22.29 11.42 -6.96
C GLY C 139 21.14 10.93 -6.11
N LEU C 140 20.02 10.61 -6.75
CA LEU C 140 18.84 10.09 -6.04
C LEU C 140 19.10 8.75 -5.38
N MET C 141 19.85 7.89 -6.07
CA MET C 141 20.24 6.60 -5.51
C MET C 141 21.10 6.73 -4.25
N SER C 142 21.91 7.78 -4.20
N SER C 142 21.88 7.79 -4.18
CA SER C 142 22.93 7.95 -3.16
CA SER C 142 22.93 7.95 -3.16
C SER C 142 22.67 9.11 -2.18
C SER C 142 22.62 8.95 -2.04
N GLY C 143 21.40 9.49 -2.00
CA GLY C 143 21.03 10.47 -0.95
C GLY C 143 21.35 11.92 -1.22
N ASP C 144 21.54 12.27 -2.49
CA ASP C 144 21.89 13.64 -2.88
C ASP C 144 21.06 14.07 -4.09
N SER C 145 20.02 14.87 -3.84
CA SER C 145 19.16 15.39 -4.91
C SER C 145 19.65 16.69 -5.61
N SER C 146 20.86 17.16 -5.26
N SER C 146 20.86 17.16 -5.26
CA SER C 146 21.41 18.41 -5.80
CA SER C 146 21.37 18.44 -5.79
C SER C 146 21.39 18.50 -7.31
C SER C 146 21.41 18.52 -7.31
N ALA C 147 21.79 17.42 -7.97
CA ALA C 147 21.83 17.39 -9.45
C ALA C 147 20.42 17.56 -10.04
N LEU C 148 19.45 16.81 -9.50
CA LEU C 148 18.07 16.97 -9.92
C LEU C 148 17.56 18.39 -9.65
N GLN C 149 17.83 18.91 -8.45
CA GLN C 149 17.43 20.27 -8.08
C GLN C 149 17.97 21.32 -9.06
N GLY C 150 19.25 21.19 -9.41
CA GLY C 150 19.89 22.08 -10.38
C GLY C 150 19.20 22.10 -11.73
N GLN C 151 18.82 20.92 -12.22
CA GLN C 151 18.13 20.79 -13.49
C GLN C 151 16.71 21.34 -13.45
N ILE C 152 15.98 21.04 -12.38
CA ILE C 152 14.62 21.58 -12.22
C ILE C 152 14.64 23.11 -12.19
N ASP C 153 15.60 23.66 -11.46
CA ASP C 153 15.73 25.11 -11.34
C ASP C 153 15.97 25.78 -12.70
N ALA C 154 16.90 25.23 -13.46
CA ALA C 154 17.19 25.71 -14.81
C ALA C 154 15.97 25.62 -15.73
N LEU C 155 15.26 24.50 -15.67
CA LEU C 155 14.08 24.29 -16.51
C LEU C 155 12.95 25.26 -16.15
N LEU C 156 12.72 25.47 -14.86
CA LEU C 156 11.70 26.40 -14.40
C LEU C 156 12.00 27.82 -14.86
N LYS C 157 13.25 28.25 -14.69
CA LYS C 157 13.67 29.59 -15.10
C LYS C 157 13.61 29.83 -16.61
N ALA C 158 13.86 28.78 -17.41
CA ALA C 158 13.72 28.84 -18.86
C ALA C 158 12.29 29.18 -19.35
N VAL C 159 11.29 28.71 -18.61
N VAL C 159 11.27 28.74 -18.62
CA VAL C 159 9.87 28.91 -18.93
CA VAL C 159 9.88 28.97 -19.01
C VAL C 159 9.35 30.20 -18.33
C VAL C 159 9.19 30.11 -18.27
N ASP C 160 9.62 30.40 -17.04
CA ASP C 160 9.10 31.52 -16.25
C ASP C 160 10.19 31.90 -15.25
N PRO C 161 10.93 33.01 -15.50
CA PRO C 161 12.01 33.46 -14.60
C PRO C 161 11.62 33.72 -13.15
N SER C 162 10.33 33.89 -12.85
CA SER C 162 9.85 34.03 -11.48
C SER C 162 9.82 32.74 -10.68
N LEU C 163 9.90 31.60 -11.37
CA LEU C 163 9.83 30.30 -10.71
C LEU C 163 11.22 29.74 -10.45
N SER C 164 11.33 28.99 -9.37
CA SER C 164 12.57 28.36 -8.97
C SER C 164 12.23 27.16 -8.11
N ILE C 165 13.26 26.46 -7.65
CA ILE C 165 13.08 25.40 -6.67
C ILE C 165 12.55 25.89 -5.30
N ASN C 166 12.63 27.20 -5.05
CA ASN C 166 12.05 27.81 -3.84
C ASN C 166 10.57 28.24 -4.01
N SER C 167 10.00 28.05 -5.20
CA SER C 167 8.56 28.29 -5.42
C SER C 167 7.73 27.18 -4.78
N THR C 168 6.53 27.50 -4.32
CA THR C 168 5.62 26.45 -3.83
C THR C 168 4.98 25.70 -5.01
N PHE C 169 4.51 24.50 -4.75
CA PHE C 169 3.81 23.74 -5.78
C PHE C 169 2.56 24.46 -6.31
N ASP C 170 1.75 25.03 -5.42
CA ASP C 170 0.61 25.87 -5.85
C ASP C 170 1.03 27.10 -6.66
N GLN C 171 2.17 27.69 -6.31
CA GLN C 171 2.74 28.78 -7.10
C GLN C 171 3.08 28.33 -8.52
N LEU C 172 3.69 27.14 -8.63
CA LEU C 172 3.97 26.56 -9.94
C LEU C 172 2.70 26.26 -10.74
N ALA C 173 1.67 25.79 -10.04
CA ALA C 173 0.37 25.55 -10.67
C ALA C 173 -0.26 26.83 -11.18
N ALA C 174 -0.23 27.87 -10.35
CA ALA C 174 -0.75 29.17 -10.75
C ALA C 174 -0.05 29.70 -12.00
N ALA C 175 1.26 29.45 -12.10
CA ALA C 175 2.06 29.91 -13.22
C ALA C 175 1.84 29.12 -14.51
N GLY C 176 1.20 27.94 -14.39
CA GLY C 176 0.85 27.12 -15.55
C GLY C 176 1.77 25.96 -15.84
N VAL C 177 2.71 25.66 -14.93
CA VAL C 177 3.69 24.60 -15.15
C VAL C 177 3.45 23.36 -14.27
N ALA C 178 2.42 23.40 -13.43
CA ALA C 178 2.14 22.29 -12.52
C ALA C 178 0.66 22.05 -12.37
N HIS C 179 0.30 20.86 -11.91
CA HIS C 179 -1.09 20.55 -11.60
C HIS C 179 -1.19 19.65 -10.38
N ALA C 180 -2.18 19.95 -9.55
CA ALA C 180 -2.43 19.22 -8.32
C ALA C 180 -3.24 17.98 -8.63
N THR C 181 -2.97 16.92 -7.88
CA THR C 181 -3.72 15.66 -7.94
C THR C 181 -4.30 15.40 -6.55
N PRO C 182 -5.46 14.72 -6.48
CA PRO C 182 -6.11 14.53 -5.18
C PRO C 182 -5.30 13.66 -4.23
N ALA C 183 -5.11 14.14 -3.00
CA ALA C 183 -4.34 13.42 -1.98
C ALA C 183 -5.14 12.24 -1.41
N ALA C 184 -6.45 12.47 -1.24
CA ALA C 184 -7.38 11.45 -0.75
C ALA C 184 -8.68 11.53 -1.54
N MET D 1 9.10 -11.17 -21.74
CA MET D 1 8.19 -11.61 -20.62
C MET D 1 6.74 -11.70 -21.05
N SER D 2 5.97 -12.46 -20.28
CA SER D 2 4.58 -12.76 -20.59
C SER D 2 3.70 -11.51 -20.53
N ILE D 3 2.60 -11.54 -21.28
CA ILE D 3 1.52 -10.55 -21.13
C ILE D 3 1.20 -10.36 -19.65
N SER D 4 0.95 -9.11 -19.26
CA SER D 4 0.48 -8.78 -17.92
C SER D 4 -0.75 -7.91 -18.05
N ILE D 5 -1.75 -8.19 -17.22
CA ILE D 5 -3.03 -7.48 -17.24
C ILE D 5 -3.26 -6.85 -15.86
N SER D 6 -3.63 -5.57 -15.85
CA SER D 6 -4.05 -4.87 -14.64
C SER D 6 -5.52 -4.57 -14.81
N TYR D 7 -6.33 -4.83 -13.79
CA TYR D 7 -7.77 -4.56 -13.86
C TYR D 7 -8.30 -4.04 -12.54
N SER D 8 -9.21 -3.06 -12.62
CA SER D 8 -10.02 -2.67 -11.46
C SER D 8 -10.86 -3.85 -10.98
N THR D 9 -11.00 -4.00 -9.67
CA THR D 9 -11.82 -5.10 -9.10
C THR D 9 -13.28 -5.09 -9.56
N THR D 10 -13.77 -3.94 -10.04
CA THR D 10 -15.07 -3.88 -10.71
C THR D 10 -15.29 -5.00 -11.74
N TYR D 11 -14.23 -5.35 -12.47
CA TYR D 11 -14.28 -6.31 -13.56
C TYR D 11 -13.78 -7.71 -13.22
N SER D 12 -13.62 -8.00 -11.92
CA SER D 12 -13.15 -9.29 -11.43
C SER D 12 -13.82 -10.50 -12.10
N GLY D 13 -15.15 -10.45 -12.22
CA GLY D 13 -15.95 -11.52 -12.82
C GLY D 13 -16.25 -11.42 -14.31
N TRP D 14 -15.84 -10.33 -14.96
CA TRP D 14 -15.94 -10.18 -16.41
C TRP D 14 -14.88 -10.99 -17.11
N THR D 15 -15.19 -11.41 -18.35
CA THR D 15 -14.18 -11.97 -19.26
C THR D 15 -13.52 -10.82 -20.03
N VAL D 16 -12.35 -11.11 -20.59
CA VAL D 16 -11.60 -10.11 -21.36
C VAL D 16 -12.37 -9.72 -22.62
N ALA D 17 -12.83 -10.74 -23.35
CA ALA D 17 -13.62 -10.55 -24.58
C ALA D 17 -14.83 -9.68 -24.31
N ASP D 18 -15.54 -10.00 -23.23
CA ASP D 18 -16.67 -9.17 -22.76
C ASP D 18 -16.27 -7.72 -22.54
N TYR D 19 -15.19 -7.49 -21.79
CA TYR D 19 -14.75 -6.13 -21.51
C TYR D 19 -14.37 -5.38 -22.79
N LEU D 20 -13.61 -6.04 -23.68
CA LEU D 20 -13.14 -5.41 -24.90
C LEU D 20 -14.26 -5.06 -25.88
N ALA D 21 -15.21 -5.99 -26.06
CA ALA D 21 -16.40 -5.73 -26.87
C ALA D 21 -17.21 -4.57 -26.30
N ASP D 22 -17.38 -4.57 -24.98
CA ASP D 22 -18.13 -3.53 -24.27
C ASP D 22 -17.47 -2.14 -24.34
N TRP D 23 -16.20 -2.05 -23.95
CA TRP D 23 -15.47 -0.78 -24.03
C TRP D 23 -15.53 -0.21 -25.45
N SER D 24 -15.35 -1.08 -26.45
CA SER D 24 -15.32 -0.67 -27.86
C SER D 24 -16.68 -0.17 -28.34
N ALA D 25 -17.77 -0.77 -27.84
CA ALA D 25 -19.13 -0.25 -28.07
C ALA D 25 -19.33 1.14 -27.46
N TYR D 26 -18.80 1.35 -26.25
N TYR D 26 -18.81 1.32 -26.24
CA TYR D 26 -18.85 2.65 -25.57
CA TYR D 26 -18.81 2.62 -25.53
C TYR D 26 -18.01 3.74 -26.27
C TYR D 26 -18.02 3.71 -26.26
N PHE D 27 -16.79 3.37 -26.64
CA PHE D 27 -15.89 4.30 -27.32
C PHE D 27 -16.44 4.65 -28.70
N GLY D 28 -16.95 3.63 -29.38
CA GLY D 28 -17.57 3.81 -30.67
C GLY D 28 -16.52 4.02 -31.74
N ASP D 29 -16.88 4.84 -32.73
CA ASP D 29 -16.06 5.06 -33.91
C ASP D 29 -15.87 6.57 -34.02
N VAL D 30 -14.63 7.03 -33.93
CA VAL D 30 -14.35 8.46 -34.04
C VAL D 30 -14.35 8.94 -35.49
N ASN D 31 -14.45 8.01 -36.44
CA ASN D 31 -14.55 8.32 -37.86
C ASN D 31 -13.28 9.06 -38.35
N HIS D 32 -12.14 8.57 -37.91
CA HIS D 32 -10.83 9.03 -38.36
C HIS D 32 -10.50 8.23 -39.63
N ARG D 33 -11.00 8.74 -40.76
N ARG D 33 -10.93 8.74 -40.78
CA ARG D 33 -10.93 8.10 -42.07
CA ARG D 33 -10.77 8.03 -42.04
C ARG D 33 -10.58 9.14 -43.14
C ARG D 33 -10.77 9.05 -43.18
N PRO D 34 -10.24 8.69 -44.36
CA PRO D 34 -10.07 9.61 -45.48
C PRO D 34 -11.28 10.49 -45.75
N GLY D 35 -11.04 11.80 -45.83
CA GLY D 35 -12.09 12.79 -46.03
C GLY D 35 -12.84 13.24 -44.78
N GLN D 36 -12.51 12.65 -43.62
CA GLN D 36 -13.26 12.88 -42.37
C GLN D 36 -12.43 13.42 -41.20
N VAL D 37 -11.16 13.73 -41.43
CA VAL D 37 -10.31 14.33 -40.39
C VAL D 37 -10.00 15.76 -40.86
N VAL D 38 -10.71 16.72 -40.29
N VAL D 38 -10.74 16.70 -40.29
CA VAL D 38 -10.59 18.14 -40.69
CA VAL D 38 -10.68 18.11 -40.68
C VAL D 38 -10.36 19.10 -39.52
C VAL D 38 -10.44 19.09 -39.53
N ASP D 39 -10.29 18.59 -38.31
CA ASP D 39 -10.11 19.43 -37.12
C ASP D 39 -9.60 18.54 -35.99
N GLY D 40 -9.60 19.07 -34.78
CA GLY D 40 -9.06 18.34 -33.64
C GLY D 40 -9.96 17.34 -32.92
N SER D 41 -11.16 17.12 -33.43
CA SER D 41 -12.18 16.34 -32.72
C SER D 41 -11.90 14.84 -32.70
N ASN D 42 -11.16 14.34 -33.70
CA ASN D 42 -10.94 12.89 -33.82
C ASN D 42 -9.52 12.51 -34.21
N THR D 43 -8.55 13.36 -33.86
CA THR D 43 -7.14 13.11 -34.19
C THR D 43 -6.44 12.28 -33.13
N GLY D 44 -6.76 12.51 -31.86
CA GLY D 44 -5.96 12.02 -30.74
C GLY D 44 -4.69 12.84 -30.65
N GLY D 45 -3.70 12.32 -29.95
CA GLY D 45 -2.42 13.01 -29.82
C GLY D 45 -1.32 12.10 -29.35
N PHE D 46 -0.08 12.52 -29.63
CA PHE D 46 1.11 11.81 -29.19
C PHE D 46 1.79 12.54 -28.05
N ASN D 47 2.47 11.77 -27.21
CA ASN D 47 3.35 12.32 -26.17
C ASN D 47 4.75 11.75 -26.42
N PRO D 48 5.75 12.58 -26.70
CA PRO D 48 5.66 14.05 -26.76
C PRO D 48 5.07 14.62 -28.05
N GLY D 49 4.97 13.81 -29.10
CA GLY D 49 4.50 14.30 -30.38
C GLY D 49 5.53 15.18 -31.08
N PRO D 50 5.16 15.79 -32.21
CA PRO D 50 3.79 15.79 -32.74
C PRO D 50 3.35 14.51 -33.47
N PHE D 51 4.30 13.75 -34.02
CA PHE D 51 3.97 12.58 -34.85
C PHE D 51 4.58 11.26 -34.35
N ASP D 52 5.15 11.29 -33.16
CA ASP D 52 5.85 10.14 -32.58
C ASP D 52 5.73 10.24 -31.08
N GLY D 53 5.84 9.12 -30.40
CA GLY D 53 5.86 9.17 -28.96
C GLY D 53 5.89 7.85 -28.23
N SER D 54 6.10 7.95 -26.93
CA SER D 54 5.92 6.83 -26.01
C SER D 54 4.44 6.50 -25.81
N GLN D 55 3.55 7.46 -26.12
CA GLN D 55 2.12 7.25 -26.04
C GLN D 55 1.40 7.87 -27.24
N TYR D 56 0.37 7.18 -27.69
CA TYR D 56 -0.70 7.76 -28.51
C TYR D 56 -1.99 7.57 -27.73
N ALA D 57 -2.77 8.64 -27.60
CA ALA D 57 -4.02 8.58 -26.84
C ALA D 57 -5.15 9.25 -27.59
N LEU D 58 -6.35 8.74 -27.35
CA LEU D 58 -7.52 9.25 -28.03
C LEU D 58 -8.74 9.11 -27.14
N LYS D 59 -9.52 10.19 -27.07
CA LYS D 59 -10.81 10.21 -26.40
C LYS D 59 -11.93 9.99 -27.42
N SER D 60 -12.94 9.25 -27.01
CA SER D 60 -14.17 9.07 -27.79
C SER D 60 -14.89 10.38 -28.08
N THR D 61 -15.60 10.42 -29.20
CA THR D 61 -16.52 11.51 -29.53
C THR D 61 -17.97 11.14 -29.20
N ALA D 62 -18.17 9.93 -28.67
CA ALA D 62 -19.50 9.40 -28.31
C ALA D 62 -19.70 9.15 -26.82
N SER D 63 -18.64 9.36 -26.03
CA SER D 63 -18.64 9.11 -24.58
C SER D 63 -17.34 9.68 -23.99
N ASP D 64 -17.15 9.51 -22.69
CA ASP D 64 -15.87 9.87 -22.04
C ASP D 64 -14.82 8.74 -22.08
N ALA D 65 -15.12 7.64 -22.77
CA ALA D 65 -14.18 6.54 -22.94
C ALA D 65 -12.93 6.99 -23.69
N ALA D 66 -11.81 6.37 -23.35
CA ALA D 66 -10.54 6.69 -23.98
C ALA D 66 -9.57 5.53 -23.88
N PHE D 67 -8.54 5.58 -24.70
CA PHE D 67 -7.44 4.62 -24.59
C PHE D 67 -6.10 5.31 -24.72
N ILE D 68 -5.07 4.64 -24.20
CA ILE D 68 -3.68 5.07 -24.34
C ILE D 68 -2.90 3.87 -24.84
N ALA D 69 -2.29 4.02 -26.01
CA ALA D 69 -1.34 3.06 -26.56
C ALA D 69 0.05 3.48 -26.12
N GLY D 70 0.78 2.56 -25.52
CA GLY D 70 2.12 2.84 -25.02
C GLY D 70 3.18 2.00 -25.69
N GLY D 71 4.35 2.60 -25.91
CA GLY D 71 5.47 1.90 -26.51
C GLY D 71 6.44 2.86 -27.13
N ASP D 72 6.77 2.62 -28.40
CA ASP D 72 7.66 3.49 -29.17
C ASP D 72 7.01 3.64 -30.53
N LEU D 73 6.13 4.64 -30.64
CA LEU D 73 5.16 4.70 -31.74
C LEU D 73 5.49 5.83 -32.69
N HIS D 74 5.15 5.62 -33.96
CA HIS D 74 5.44 6.58 -35.03
C HIS D 74 4.25 6.66 -35.96
N TYR D 75 3.95 7.86 -36.44
CA TYR D 75 2.93 8.07 -37.47
C TYR D 75 3.58 8.66 -38.72
N THR D 76 3.35 8.03 -39.86
CA THR D 76 3.97 8.47 -41.11
C THR D 76 3.30 9.71 -41.74
N LEU D 77 2.10 10.06 -41.27
CA LEU D 77 1.35 11.21 -41.79
C LEU D 77 1.21 11.09 -43.32
N PHE D 78 1.79 11.99 -44.10
CA PHE D 78 1.66 11.93 -45.57
C PHE D 78 2.63 10.99 -46.26
N SER D 79 3.61 10.49 -45.53
CA SER D 79 4.77 9.86 -46.13
C SER D 79 4.57 8.36 -46.37
N ASN D 80 4.88 7.91 -47.59
CA ASN D 80 4.78 6.51 -48.00
C ASN D 80 5.41 5.58 -46.95
N PRO D 81 4.68 4.58 -46.41
CA PRO D 81 3.25 4.32 -46.61
C PRO D 81 2.41 5.26 -45.76
N SER D 82 1.58 6.08 -46.40
CA SER D 82 0.89 7.16 -45.70
C SER D 82 -0.04 6.65 -44.60
N HIS D 83 -0.15 7.47 -43.56
CA HIS D 83 -1.11 7.24 -42.48
C HIS D 83 -0.96 5.89 -41.80
N THR D 84 0.29 5.51 -41.59
CA THR D 84 0.66 4.28 -40.88
C THR D 84 1.17 4.63 -39.48
N LEU D 85 0.51 4.08 -38.48
CA LEU D 85 1.00 3.97 -37.11
C LEU D 85 1.79 2.68 -36.95
N TRP D 86 3.07 2.81 -36.62
CA TRP D 86 3.99 1.67 -36.55
C TRP D 86 4.96 1.84 -35.38
N GLY D 87 5.78 0.82 -35.18
CA GLY D 87 6.79 0.79 -34.14
C GLY D 87 6.43 -0.26 -33.11
N LYS D 88 6.81 0.00 -31.86
CA LYS D 88 6.60 -0.93 -30.76
C LYS D 88 5.37 -0.55 -29.97
N LEU D 89 4.45 -1.51 -29.84
CA LEU D 89 3.27 -1.37 -29.00
C LEU D 89 3.45 -2.32 -27.82
N ASP D 90 3.73 -1.74 -26.65
CA ASP D 90 3.93 -2.50 -25.42
C ASP D 90 2.66 -2.62 -24.59
N SER D 91 1.79 -1.62 -24.66
CA SER D 91 0.60 -1.60 -23.81
C SER D 91 -0.59 -0.89 -24.44
N ILE D 92 -1.78 -1.33 -24.03
CA ILE D 92 -3.05 -0.65 -24.30
C ILE D 92 -3.72 -0.49 -22.94
N ALA D 93 -4.01 0.76 -22.56
CA ALA D 93 -4.75 1.07 -21.34
C ALA D 93 -6.12 1.59 -21.75
N LEU D 94 -7.16 1.03 -21.13
CA LEU D 94 -8.55 1.36 -21.44
C LEU D 94 -9.25 1.87 -20.20
N GLY D 95 -10.14 2.84 -20.42
CA GLY D 95 -10.95 3.38 -19.34
C GLY D 95 -11.67 4.61 -19.79
N ASP D 96 -11.82 5.57 -18.91
CA ASP D 96 -12.40 6.85 -19.31
C ASP D 96 -11.75 8.02 -18.62
N THR D 97 -12.10 9.21 -19.12
CA THR D 97 -11.62 10.48 -18.62
C THR D 97 -10.11 10.60 -18.84
N LEU D 98 -9.76 10.74 -20.11
CA LEU D 98 -8.38 10.99 -20.52
C LEU D 98 -7.94 12.33 -19.95
N THR D 99 -6.74 12.35 -19.38
CA THR D 99 -6.14 13.57 -18.85
C THR D 99 -4.73 13.69 -19.36
N GLY D 100 -4.17 14.88 -19.24
CA GLY D 100 -2.80 15.14 -19.60
C GLY D 100 -2.58 15.18 -21.10
N GLY D 101 -1.38 14.77 -21.50
CA GLY D 101 -0.92 14.85 -22.88
C GLY D 101 0.51 15.34 -22.88
N ALA D 102 0.99 15.77 -24.05
CA ALA D 102 2.38 16.20 -24.19
C ALA D 102 2.76 17.33 -23.23
N SER D 103 1.87 18.30 -23.07
N SER D 103 1.88 18.30 -23.06
CA SER D 103 2.09 19.44 -22.17
CA SER D 103 2.16 19.45 -22.18
C SER D 103 2.38 19.02 -20.74
C SER D 103 2.26 19.10 -20.68
N SER D 104 1.73 17.94 -20.31
CA SER D 104 1.91 17.38 -18.96
C SER D 104 2.99 16.30 -18.86
N GLY D 105 3.67 16.01 -19.97
CA GLY D 105 4.65 14.94 -20.04
C GLY D 105 4.09 13.53 -20.01
N GLY D 106 2.79 13.38 -20.27
CA GLY D 106 2.18 12.07 -20.25
C GLY D 106 0.67 12.14 -20.20
N TYR D 107 0.05 11.20 -20.89
CA TYR D 107 -1.37 10.95 -20.77
C TYR D 107 -1.63 9.99 -19.62
N ALA D 108 -2.81 10.13 -19.03
CA ALA D 108 -3.29 9.19 -18.02
C ALA D 108 -4.81 9.14 -18.10
N LEU D 109 -5.38 8.05 -17.61
CA LEU D 109 -6.82 7.89 -17.50
C LEU D 109 -7.19 8.13 -16.04
N ASP D 110 -8.10 9.07 -15.79
CA ASP D 110 -8.60 9.31 -14.42
C ASP D 110 -9.32 8.08 -13.85
N SER D 111 -9.97 7.30 -14.71
N SER D 111 -9.97 7.30 -14.71
CA SER D 111 -10.55 6.03 -14.35
CA SER D 111 -10.56 6.02 -14.34
C SER D 111 -10.00 4.95 -15.28
C SER D 111 -10.00 4.93 -15.26
N GLN D 112 -8.79 4.48 -14.96
CA GLN D 112 -8.17 3.39 -15.71
C GLN D 112 -8.79 2.09 -15.25
N GLU D 113 -9.38 1.37 -16.19
CA GLU D 113 -10.17 0.19 -15.90
C GLU D 113 -9.39 -1.10 -16.13
N VAL D 114 -8.80 -1.23 -17.31
CA VAL D 114 -8.06 -2.43 -17.70
C VAL D 114 -6.88 -2.01 -18.55
N SER D 115 -5.72 -2.60 -18.28
CA SER D 115 -4.57 -2.43 -19.16
C SER D 115 -3.99 -3.79 -19.53
N PHE D 116 -3.50 -3.87 -20.75
CA PHE D 116 -2.81 -5.05 -21.27
C PHE D 116 -1.41 -4.57 -21.60
N SER D 117 -0.40 -5.13 -20.92
N SER D 117 -0.41 -5.16 -20.94
CA SER D 117 0.99 -4.72 -21.10
CA SER D 117 0.99 -4.74 -21.07
C SER D 117 1.87 -5.93 -21.43
C SER D 117 1.86 -5.93 -21.42
N ASN D 118 3.13 -5.66 -21.74
CA ASN D 118 4.06 -6.68 -22.28
C ASN D 118 3.50 -7.34 -23.54
N LEU D 119 2.86 -6.54 -24.39
CA LEU D 119 2.27 -7.06 -25.61
C LEU D 119 3.34 -7.53 -26.60
N GLY D 120 4.52 -6.92 -26.53
CA GLY D 120 5.65 -7.33 -27.36
C GLY D 120 5.43 -7.19 -28.86
N LEU D 121 4.52 -6.30 -29.26
CA LEU D 121 4.18 -6.11 -30.66
C LEU D 121 5.14 -5.09 -31.25
N ASP D 122 5.65 -5.41 -32.43
CA ASP D 122 6.61 -4.57 -33.12
C ASP D 122 6.31 -4.70 -34.61
N SER D 123 5.81 -3.62 -35.20
CA SER D 123 5.47 -3.60 -36.62
C SER D 123 6.38 -2.65 -37.35
N PRO D 124 7.08 -3.14 -38.41
CA PRO D 124 7.94 -2.26 -39.18
C PRO D 124 7.13 -1.36 -40.11
N ILE D 125 7.71 -0.21 -40.46
CA ILE D 125 7.06 0.72 -41.37
C ILE D 125 6.65 0.09 -42.72
N ALA D 126 7.46 -0.84 -43.23
CA ALA D 126 7.19 -1.47 -44.53
C ALA D 126 5.88 -2.27 -44.63
N GLN D 127 5.35 -2.71 -43.50
CA GLN D 127 4.03 -3.37 -43.51
C GLN D 127 2.88 -2.39 -43.69
N GLY D 128 3.13 -1.10 -43.47
CA GLY D 128 2.12 -0.08 -43.70
C GLY D 128 0.92 -0.29 -42.80
N ARG D 129 -0.27 -0.02 -43.34
CA ARG D 129 -1.49 -0.19 -42.56
C ARG D 129 -1.94 -1.66 -42.39
N ASP D 130 -1.20 -2.60 -42.98
CA ASP D 130 -1.38 -4.04 -42.70
C ASP D 130 -0.59 -4.52 -41.47
N GLY D 131 0.23 -3.64 -40.89
CA GLY D 131 0.94 -3.98 -39.66
C GLY D 131 0.01 -4.24 -38.49
N THR D 132 0.39 -5.19 -37.64
CA THR D 132 -0.41 -5.57 -36.48
C THR D 132 -0.62 -4.39 -35.53
N VAL D 133 0.42 -3.60 -35.28
CA VAL D 133 0.27 -2.40 -34.43
C VAL D 133 -0.80 -1.47 -35.00
N HIS D 134 -0.71 -1.16 -36.29
CA HIS D 134 -1.71 -0.32 -36.93
C HIS D 134 -3.12 -0.88 -36.79
N LYS D 135 -3.28 -2.15 -37.11
CA LYS D 135 -4.59 -2.79 -37.08
C LYS D 135 -5.18 -2.79 -35.68
N VAL D 136 -4.35 -3.05 -34.68
CA VAL D 136 -4.79 -3.04 -33.28
C VAL D 136 -5.28 -1.65 -32.88
N VAL D 137 -4.43 -0.63 -33.08
CA VAL D 137 -4.76 0.72 -32.64
C VAL D 137 -5.90 1.31 -33.47
N TYR D 138 -5.83 1.19 -34.79
CA TYR D 138 -6.89 1.69 -35.66
C TYR D 138 -8.24 1.00 -35.40
N GLY D 139 -8.19 -0.29 -35.10
CA GLY D 139 -9.37 -1.02 -34.65
C GLY D 139 -10.07 -0.34 -33.49
N LEU D 140 -9.30 0.00 -32.47
CA LEU D 140 -9.82 0.72 -31.29
C LEU D 140 -10.35 2.10 -31.64
N MET D 141 -9.66 2.81 -32.52
CA MET D 141 -10.13 4.10 -33.02
C MET D 141 -11.47 4.02 -33.75
N SER D 142 -11.71 2.90 -34.42
N SER D 142 -11.73 2.89 -34.41
CA SER D 142 -12.84 2.72 -35.32
CA SER D 142 -12.85 2.74 -35.33
C SER D 142 -13.91 1.73 -34.85
C SER D 142 -14.05 1.93 -34.80
N GLY D 143 -14.01 1.51 -33.54
CA GLY D 143 -15.12 0.70 -32.98
C GLY D 143 -15.02 -0.80 -33.17
N ASP D 144 -13.80 -1.30 -33.41
CA ASP D 144 -13.60 -2.73 -33.64
C ASP D 144 -12.36 -3.21 -32.89
N SER D 145 -12.58 -3.87 -31.74
CA SER D 145 -11.48 -4.43 -30.94
C SER D 145 -10.99 -5.84 -31.36
N SER D 146 -11.49 -6.37 -32.48
N SER D 146 -11.49 -6.38 -32.47
CA SER D 146 -11.15 -7.73 -32.94
CA SER D 146 -11.15 -7.75 -32.89
C SER D 146 -9.66 -7.97 -33.02
C SER D 146 -9.65 -7.99 -33.03
N ALA D 147 -8.92 -7.02 -33.60
CA ALA D 147 -7.46 -7.14 -33.75
C ALA D 147 -6.78 -7.26 -32.39
N LEU D 148 -7.16 -6.38 -31.47
CA LEU D 148 -6.63 -6.42 -30.10
C LEU D 148 -6.97 -7.75 -29.43
N GLN D 149 -8.24 -8.15 -29.54
CA GLN D 149 -8.70 -9.42 -28.97
C GLN D 149 -7.89 -10.61 -29.46
N GLY D 150 -7.63 -10.68 -30.77
CA GLY D 150 -6.84 -11.74 -31.37
C GLY D 150 -5.42 -11.81 -30.83
N GLN D 151 -4.79 -10.65 -30.64
CA GLN D 151 -3.44 -10.59 -30.08
C GLN D 151 -3.40 -11.01 -28.61
N ILE D 152 -4.35 -10.52 -27.81
CA ILE D 152 -4.44 -10.90 -26.40
C ILE D 152 -4.64 -12.40 -26.25
N ASP D 153 -5.53 -12.96 -27.07
CA ASP D 153 -5.80 -14.39 -27.04
C ASP D 153 -4.54 -15.22 -27.32
N ALA D 154 -3.80 -14.85 -28.36
CA ALA D 154 -2.54 -15.54 -28.68
C ALA D 154 -1.51 -15.41 -27.56
N LEU D 155 -1.36 -14.22 -27.01
CA LEU D 155 -0.41 -13.98 -25.92
C LEU D 155 -0.75 -14.79 -24.67
N LEU D 156 -2.04 -14.84 -24.33
CA LEU D 156 -2.49 -15.61 -23.16
C LEU D 156 -2.20 -17.10 -23.32
N LYS D 157 -2.53 -17.63 -24.50
CA LYS D 157 -2.29 -19.05 -24.79
C LYS D 157 -0.80 -19.43 -24.83
N ALA D 158 0.05 -18.49 -25.26
CA ALA D 158 1.50 -18.71 -25.27
C ALA D 158 2.08 -18.94 -23.87
N VAL D 159 1.48 -18.33 -22.87
CA VAL D 159 1.96 -18.44 -21.48
C VAL D 159 1.23 -19.52 -20.66
N ASP D 160 -0.06 -19.66 -20.91
CA ASP D 160 -0.92 -20.63 -20.20
C ASP D 160 -2.07 -21.00 -21.15
N PRO D 161 -2.01 -22.19 -21.77
CA PRO D 161 -3.05 -22.64 -22.72
C PRO D 161 -4.48 -22.70 -22.18
N SER D 162 -4.66 -22.71 -20.86
CA SER D 162 -5.99 -22.66 -20.25
C SER D 162 -6.64 -21.27 -20.27
N LEU D 163 -5.85 -20.23 -20.54
CA LEU D 163 -6.36 -18.86 -20.56
C LEU D 163 -6.69 -18.40 -21.97
N SER D 164 -7.72 -17.56 -22.05
CA SER D 164 -8.19 -17.03 -23.31
C SER D 164 -8.88 -15.71 -23.05
N ILE D 165 -9.34 -15.08 -24.11
CA ILE D 165 -10.20 -13.90 -23.97
C ILE D 165 -11.56 -14.19 -23.29
N ASN D 166 -11.96 -15.46 -23.20
CA ASN D 166 -13.14 -15.87 -22.45
C ASN D 166 -12.88 -16.18 -20.95
N SER D 167 -11.62 -16.12 -20.52
CA SER D 167 -11.27 -16.23 -19.10
C SER D 167 -11.69 -14.98 -18.35
N THR D 168 -12.08 -15.10 -17.08
CA THR D 168 -12.35 -13.92 -16.26
C THR D 168 -11.05 -13.26 -15.81
N PHE D 169 -11.15 -11.99 -15.43
CA PHE D 169 -9.97 -11.28 -14.92
C PHE D 169 -9.42 -11.92 -13.64
N ASP D 170 -10.29 -12.32 -12.71
CA ASP D 170 -9.83 -13.06 -11.52
C ASP D 170 -9.20 -14.41 -11.87
N GLN D 171 -9.70 -15.07 -12.92
CA GLN D 171 -9.08 -16.30 -13.42
C GLN D 171 -7.65 -16.03 -13.93
N LEU D 172 -7.49 -14.93 -14.67
CA LEU D 172 -6.15 -14.51 -15.12
C LEU D 172 -5.21 -14.19 -13.96
N ALA D 173 -5.75 -13.56 -12.92
CA ALA D 173 -4.97 -13.25 -11.72
C ALA D 173 -4.54 -14.52 -10.99
N ALA D 174 -5.47 -15.44 -10.83
CA ALA D 174 -5.15 -16.73 -10.22
C ALA D 174 -4.03 -17.45 -10.96
N ALA D 175 -4.06 -17.36 -12.29
CA ALA D 175 -3.05 -18.00 -13.15
C ALA D 175 -1.68 -17.33 -13.11
N GLY D 176 -1.61 -16.10 -12.59
CA GLY D 176 -0.35 -15.38 -12.43
C GLY D 176 -0.04 -14.34 -13.50
N VAL D 177 -0.98 -14.07 -14.40
CA VAL D 177 -0.76 -13.11 -15.49
C VAL D 177 -1.49 -11.78 -15.30
N ALA D 178 -2.25 -11.64 -14.22
CA ALA D 178 -3.00 -10.41 -13.98
C ALA D 178 -2.98 -10.02 -12.52
N HIS D 179 -3.30 -8.75 -12.27
CA HIS D 179 -3.40 -8.25 -10.91
C HIS D 179 -4.52 -7.23 -10.78
N ALA D 180 -5.28 -7.35 -9.69
CA ALA D 180 -6.39 -6.48 -9.41
C ALA D 180 -5.89 -5.20 -8.79
N THR D 181 -6.56 -4.09 -9.14
CA THR D 181 -6.30 -2.79 -8.55
C THR D 181 -7.57 -2.32 -7.84
N PRO D 182 -7.43 -1.53 -6.76
CA PRO D 182 -8.63 -1.11 -6.02
C PRO D 182 -9.59 -0.27 -6.87
N ALA D 183 -10.87 -0.63 -6.83
CA ALA D 183 -11.92 0.17 -7.47
C ALA D 183 -12.19 1.38 -6.60
N ALA D 184 -12.16 2.57 -7.21
CA ALA D 184 -12.24 3.83 -6.46
C ALA D 184 -13.02 4.88 -7.26
CBL WXP E . -23.22 13.53 14.82
CBL WXP E . -23.04 15.12 15.24
CBM WXP E . -24.47 13.78 14.26
CBM WXP E . -24.26 15.53 14.72
CBN WXP E . -24.64 14.80 13.36
CBN WXP E . -24.57 15.20 13.40
CBO WXP E . -23.55 15.56 13.00
CBO WXP E . -23.67 14.49 12.65
CBP WXP E . -22.30 15.31 13.55
CBP WXP E . -22.44 14.10 13.17
CBK WXP E . -22.09 14.29 14.48
CBK WXP E . -22.09 14.39 14.50
CAC WXP E . -20.83 13.98 15.05
CAT WXP E . -20.09 15.00 15.70
CAU WXP E . -20.31 16.33 15.80
CAV WXP E . -19.37 16.93 16.51
CAW WXP E . -18.48 16.03 16.95
NAX WXP E . -18.96 14.88 16.42
CAR WXP E . -20.43 12.64 14.92
NAS WXP E . -19.30 12.03 15.37
CAQ WXP E . -21.05 11.58 14.34
CAP WXP E . -20.34 10.47 14.43
CAO WXP E . -19.21 10.70 15.08
CAB WXP E . -18.20 9.80 15.38
CAZ WXP E . -18.38 8.45 14.95
CBA WXP E . -17.60 7.94 13.91
CBB WXP E . -17.72 6.63 13.44
CBC WXP E . -18.66 5.78 14.01
CBD WXP E . -19.44 6.27 15.05
CBE WXP E . -19.29 7.58 15.54
CAM WXP E . -17.02 10.01 16.06
NAN WXP E . -16.68 11.16 16.65
CAL WXP E . -15.99 9.20 16.31
CAK WXP E . -15.07 9.86 17.02
CAJ WXP E . -15.50 11.09 17.24
CAA WXP E . -14.90 12.10 17.94
CAH WXP E . -15.26 13.38 18.21
NAI WXP E . -16.33 14.01 17.76
CAG WXP E . -14.64 14.27 18.97
CAF WXP E . -15.33 15.41 18.95
CAE WXP E . -16.42 15.29 18.16
CAD WXP E . -17.40 16.19 17.80
CAY WXP E . -17.23 17.48 18.39
CBF WXP E . -16.12 18.27 18.07
CBG WXP E . -15.93 19.53 18.66
CBH WXP E . -16.87 20.02 19.57
CBI WXP E . -17.98 19.24 19.89
CBJ WXP E . -18.15 17.99 19.32
FE WXP E . -17.83 13.06 16.55
O1 PE8 F . 26.70 2.37 27.76
C2 PE8 F . 28.11 2.59 27.83
C3 PE8 F . 28.42 4.01 27.39
O4 PE8 F . 28.47 4.03 25.97
C5 PE8 F . 29.14 5.17 25.44
C6 PE8 F . 29.02 5.15 23.92
O7 PE8 F . 27.65 5.04 23.55
C8 PE8 F . 27.45 4.77 22.19
C9 PE8 F . 25.97 4.63 21.90
O10 PE8 F . 25.49 3.44 22.51
C11 PE8 F . 24.08 3.39 22.77
C12 PE8 F . 23.32 3.26 21.46
O13 PE8 F . 23.27 4.53 20.82
C14 PE8 F . 22.54 4.52 19.59
C15 PE8 F . 22.64 5.91 18.95
O16 PE8 F . 21.76 6.81 19.63
C17 PE8 F . 22.22 7.28 20.90
C18 PE8 F . 21.51 8.60 21.20
O19 PE8 F . 22.08 9.62 20.40
C20 PE8 F . 21.54 10.92 20.69
C21 PE8 F . 21.92 11.89 19.59
O22 PE8 F . 21.66 11.28 18.33
C23 PE8 F . 22.11 12.05 17.22
C24 PE8 F . 21.30 11.60 16.01
O25 PE8 F . 21.79 10.38 15.46
O1 PE8 G . 5.10 -4.18 19.98
C2 PE8 G . 4.03 -3.32 19.55
C3 PE8 G . 2.82 -3.54 20.44
O4 PE8 G . 1.98 -2.37 20.46
C5 PE8 G . 1.42 -2.04 19.19
C6 PE8 G . 0.05 -1.38 19.39
O7 PE8 G . -0.47 -0.96 18.12
C8 PE8 G . -1.20 -1.98 17.44
C9 PE8 G . -1.73 -1.44 16.12
O10 PE8 G . -2.72 -2.34 15.58
C11 PE8 G . -2.21 -3.54 15.01
C12 PE8 G . -2.58 -4.73 15.88
O13 PE8 G . -1.75 -5.85 15.56
C14 PE8 G . -1.48 -6.75 16.65
C15 PE8 G . -1.40 -8.18 16.13
O16 PE8 G . -2.39 -9.01 16.74
C17 PE8 G . -3.73 -8.81 16.22
C18 PE8 G . -4.15 -10.01 15.39
O19 PE8 G . -5.44 -9.77 14.81
C20 PE8 G . -5.37 -9.14 13.53
C21 PE8 G . -6.77 -8.97 12.95
O22 PE8 G . -6.79 -7.92 11.98
C23 PE8 G . -6.13 -8.23 10.76
C24 PE8 G . -6.53 -7.22 9.68
O25 PE8 G . -5.96 -5.93 9.93
CBL WXP H . -0.56 -22.66 39.10
CBL WXP H . 0.93 -23.46 38.24
CBM WXP H . 0.10 -22.85 40.31
CBM WXP H . 1.53 -23.78 39.46
CBN WXP H . 0.91 -23.95 40.50
CBN WXP H . 0.79 -24.30 40.52
CBO WXP H . 1.07 -24.84 39.46
CBO WXP H . -0.56 -24.49 40.34
CBP WXP H . 0.43 -24.64 38.25
CBP WXP H . -1.16 -24.17 39.13
CBK WXP H . -0.41 -23.55 38.03
CBK WXP H . -0.44 -23.64 38.03
CAC WXP H . -1.08 -23.31 36.79
CAT WXP H . -1.88 -24.32 36.22
CAU WXP H . -2.11 -25.59 36.60
CAV WXP H . -2.98 -26.20 35.80
CAW WXP H . -3.40 -25.36 34.85
NAX WXP H . -2.70 -24.24 35.14
CAR WXP H . -0.85 -22.03 36.23
NAS WXP H . -1.33 -21.49 35.08
CAQ WXP H . -0.10 -20.98 36.67
CAP WXP H . -0.15 -19.94 35.86
CAO WXP H . -0.92 -20.21 34.82
CAB WXP H . -1.23 -19.39 33.74
CAZ WXP H . -0.66 -18.09 33.74
CBA WXP H . 0.33 -17.75 32.81
CBB WXP H . 0.92 -16.49 32.76
CBC WXP H . 0.55 -15.51 33.66
CBD WXP H . -0.43 -15.82 34.59
CBE WXP H . -1.04 -17.08 34.64
CAM WXP H . -2.05 -19.66 32.66
NAN WXP H . -2.78 -20.76 32.50
CAL WXP H . -2.31 -18.94 31.56
CAK WXP H . -3.17 -19.59 30.79
CAJ WXP H . -3.48 -20.75 31.37
CAA WXP H . -4.33 -21.72 30.95
CAH WXP H . -4.67 -22.92 31.47
NAI WXP H . -4.18 -23.48 32.58
CAG WXP H . -5.56 -23.79 31.02
CAF WXP H . -5.59 -24.85 31.82
CAE WXP H . -4.70 -24.69 32.82
CAD WXP H . -4.35 -25.54 33.86
CAY WXP H . -5.06 -26.78 33.86
CBF WXP H . -4.90 -27.72 32.82
CBG WXP H . -5.59 -28.93 32.81
CBH WXP H . -6.46 -29.23 33.84
CBI WXP H . -6.64 -28.33 34.88
CBJ WXP H . -5.96 -27.11 34.89
FE WXP H . -2.74 -22.51 33.85
O1 PE8 I . 1.48 -19.24 50.84
C2 PE8 I . 2.10 -20.41 50.31
C3 PE8 I . 2.17 -20.32 48.80
O4 PE8 I . 0.89 -20.68 48.29
C5 PE8 I . 0.92 -21.16 46.96
C6 PE8 I . -0.50 -21.32 46.47
O7 PE8 I . -1.28 -20.18 46.87
C8 PE8 I . -2.68 -20.41 46.75
C9 PE8 I . -3.43 -19.14 47.10
O10 PE8 I . -3.37 -18.94 48.52
C11 PE8 I . -3.65 -17.61 48.96
C12 PE8 I . -5.14 -17.32 48.84
O13 PE8 I . -5.44 -17.03 47.48
C14 PE8 I . -6.77 -16.60 47.26
C15 PE8 I . -6.98 -16.41 45.75
O16 PE8 I . -6.40 -15.16 45.36
C17 PE8 I . -4.97 -15.15 45.27
C18 PE8 I . -4.56 -14.00 44.37
O19 PE8 I . -4.93 -14.32 43.03
C20 PE8 I . -4.49 -13.32 42.10
C21 PE8 I . -5.13 -13.57 40.74
O22 PE8 I . -6.49 -13.92 40.93
C23 PE8 I . -7.14 -14.32 39.72
C24 PE8 I . -8.62 -14.04 39.88
O25 PE8 I . -9.28 -15.04 40.65
CBL WXP J . 28.59 -4.37 -8.79
CBL WXP J . 27.50 -5.11 -9.19
CBM WXP J . 29.31 -5.56 -8.62
CBM WXP J . 28.25 -6.26 -8.94
CBN WXP J . 29.41 -6.46 -9.66
CBN WXP J . 29.54 -6.38 -9.45
CBO WXP J . 28.81 -6.18 -10.87
CBO WXP J . 30.05 -5.37 -10.21
CBP WXP J . 28.11 -4.99 -11.03
CBP WXP J . 29.29 -4.23 -10.46
CBK WXP J . 27.96 -4.06 -9.99
CBK WXP J . 27.99 -4.06 -9.95
CAC WXP J . 27.22 -2.88 -10.24
CAT WXP J . 25.91 -3.08 -10.78
CAU WXP J . 25.21 -4.21 -11.02
CAV WXP J . 23.99 -3.97 -11.45
CAW WXP J . 23.78 -2.67 -11.54
NAX WXP J . 24.97 -2.15 -11.10
CAR WXP J . 27.84 -1.62 -9.99
NAS WXP J . 27.34 -0.39 -10.21
CAQ WXP J . 29.06 -1.31 -9.50
CAP WXP J . 29.24 0.00 -9.43
CAO WXP J . 28.15 0.64 -9.88
CAB WXP J . 27.91 2.00 -9.99
CAZ WXP J . 28.94 2.90 -9.58
CBA WXP J . 30.14 2.90 -10.30
CBB WXP J . 31.20 3.76 -9.97
CBC WXP J . 31.05 4.68 -8.93
CBD WXP J . 29.85 4.72 -8.23
CBE WXP J . 28.80 3.83 -8.55
CAM WXP J . 26.78 2.66 -10.45
NAN WXP J . 25.60 2.08 -10.75
CAL WXP J . 26.55 3.96 -10.70
CAK WXP J . 25.30 4.14 -11.11
CAJ WXP J . 24.68 2.96 -11.16
CAA WXP J . 23.41 2.69 -11.52
CAH WXP J . 22.77 1.53 -11.78
NAI WXP J . 23.29 0.31 -11.67
CAG WXP J . 21.52 1.35 -12.19
CAF WXP J . 21.31 0.04 -12.33
CAE WXP J . 22.42 -0.65 -12.01
CAD WXP J . 22.66 -2.00 -11.99
CAY WXP J . 21.61 -2.82 -12.49
CBF WXP J . 21.70 -3.50 -13.70
CBG WXP J . 20.64 -4.31 -14.14
CBH WXP J . 19.49 -4.46 -13.40
CBI WXP J . 19.38 -3.80 -12.20
CBJ WXP J . 20.43 -2.99 -11.77
FE WXP J . 25.33 -0.04 -10.92
CBL WXP K . -6.63 13.77 -42.73
CBL WXP K . -6.06 14.56 -41.81
CBM WXP K . -6.75 14.88 -43.56
CBM WXP K . -6.27 15.63 -42.67
CBN WXP K . -5.65 15.64 -43.89
CBN WXP K . -5.87 15.57 -44.00
CBO WXP K . -4.42 15.30 -43.38
CBO WXP K . -5.25 14.42 -44.46
CBP WXP K . -4.29 14.19 -42.58
CBP WXP K . -5.03 13.37 -43.59
CBK WXP K . -5.40 13.39 -42.20
CBK WXP K . -5.43 13.38 -42.23
CAC WXP K . -5.18 12.28 -41.36
CAT WXP K . -4.51 12.56 -40.15
CAU WXP K . -4.05 13.71 -39.62
CAV WXP K . -3.53 13.57 -38.41
CAW WXP K . -3.57 12.29 -38.06
NAX WXP K . -4.18 11.71 -39.13
CAR WXP K . -5.61 11.01 -41.83
NAS WXP K . -5.47 9.81 -41.21
CAQ WXP K . -6.25 10.63 -42.95
CAP WXP K . -6.47 9.32 -42.99
CAO WXP K . -5.98 8.75 -41.88
CAB WXP K . -5.98 7.41 -41.49
CAZ WXP K . -6.57 6.48 -42.38
CBA WXP K . -5.97 6.27 -43.63
CBB WXP K . -6.48 5.36 -44.56
CBC WXP K . -7.59 4.58 -44.23
CBD WXP K . -8.19 4.75 -42.98
CBE WXP K . -7.68 5.68 -42.07
CAM WXP K . -5.47 6.84 -40.33
NAN WXP K . -5.01 7.49 -39.27
CAL WXP K . -5.34 5.54 -39.98
CAK WXP K . -4.83 5.45 -38.75
CAJ WXP K . -4.61 6.68 -38.28
CAA WXP K . -4.11 7.05 -37.07
CAH WXP K . -3.66 8.23 -36.58
NAI WXP K . -3.71 9.40 -37.21
CAG WXP K . -3.08 8.51 -35.42
CAF WXP K . -2.79 9.79 -35.36
CAE WXP K . -3.18 10.40 -36.50
CAD WXP K . -3.09 11.71 -36.91
CAY WXP K . -2.41 12.58 -36.00
CBF WXP K . -1.15 13.08 -36.24
CBG WXP K . -0.55 13.94 -35.30
CBH WXP K . -1.17 14.30 -34.13
CBI WXP K . -2.43 13.78 -33.87
CBJ WXP K . -3.03 12.95 -34.80
FE WXP K . -4.61 9.62 -39.22
O1 PE8 L . 1.89 -1.97 -11.06
C2 PE8 L . 1.79 -2.20 -12.48
C3 PE8 L . 1.37 -0.92 -13.18
O4 PE8 L . 0.87 -1.24 -14.49
C5 PE8 L . 1.66 -0.70 -15.55
C6 PE8 L . 1.11 -1.13 -16.90
O7 PE8 L . 1.17 -0.05 -17.83
C8 PE8 L . -0.01 0.76 -17.84
C9 PE8 L . 0.23 2.03 -18.64
O10 PE8 L . -0.42 3.13 -17.99
C11 PE8 L . -0.03 4.43 -18.47
C12 PE8 L . -0.42 5.49 -17.44
O13 PE8 L . 0.75 6.04 -16.83
C14 PE8 L . 1.32 5.26 -15.78
C15 PE8 L . 2.85 5.25 -15.92
O16 PE8 L . 3.49 5.46 -14.64
C17 PE8 L . 3.60 6.82 -14.23
C18 PE8 L . 4.64 7.58 -15.07
O19 PE8 L . 5.32 8.55 -14.27
C20 PE8 L . 4.64 9.80 -14.16
C21 PE8 L . 5.06 10.75 -15.28
O22 PE8 L . 3.92 11.28 -15.95
C23 PE8 L . 3.24 12.32 -15.25
C24 PE8 L . 2.06 12.83 -16.07
O25 PE8 L . 0.78 12.68 -15.44
#